data_1IRX
#
_entry.id   1IRX
#
_cell.length_a   58.945
_cell.length_b   74.767
_cell.length_c   156.945
_cell.angle_alpha   90.00
_cell.angle_beta   90.26
_cell.angle_gamma   90.00
#
_symmetry.space_group_name_H-M   'P 1 21 1'
#
loop_
_entity.id
_entity.type
_entity.pdbx_description
1 polymer 'lysyl-tRNA synthetase'
2 non-polymer 'ZINC ION'
3 water water
#
_entity_poly.entity_id   1
_entity_poly.type   'polypeptide(L)'
_entity_poly.pdbx_seq_one_letter_code
;MVHWADYIADKIIRERGEKEKYVVESGITPSGYVHVGNFRELFTAYIVGHALRDKGYEVRHIHMWDDYDRFRKVPRNVPQ
EWKDYLGMPISEVPDPWGCHESYAEHFMRKFEEEVEKLGIEVDLLYASELYKRGEYSEEIRLAFEKRDKIMEILNKYREI
AKQPPLPENWWPAMVYCPEHRREAEIIEWDGGWKVKYKCPEGHEGWVDIRSGNVKLRWRVDWPMRWSHFGVDFEPAGKDH
LVAGSSYDTGKEIIKEVYGKEAPLSLMYEFVGIKGQKGKMSGSKGNVILLSDLYEVLEPGLVRFIYARHRPNKEIKIDLG
LGILNLYDEFEKVERIYFGVEGGKGDDEELRRTYELSMPKKPERLVAQAPFRFLAVLVQLPHLTEEDIINVLIKQGHIPR
DLSKEDVERVKLRINLARNWVKKYAPEDVKFSILEKPPEVEVSEDVREAMNEVAEWLENHEEFSVEEFNNILFEVAKRRG
ISSREWFSTLYRLFIGKERGPRLASFLASLDRSFVIKRLRLEG
;
_entity_poly.pdbx_strand_id   A,B
#
loop_
_chem_comp.id
_chem_comp.type
_chem_comp.name
_chem_comp.formula
ZN non-polymer 'ZINC ION' 'Zn 2'
#
# COMPACT_ATOMS: atom_id res chain seq x y z
N HIS A 3 -10.03 19.02 -27.62
CA HIS A 3 -10.30 18.42 -28.98
C HIS A 3 -11.80 18.40 -29.30
N TRP A 4 -12.62 17.91 -28.37
CA TRP A 4 -14.05 17.89 -28.60
C TRP A 4 -14.54 19.30 -28.94
N ALA A 5 -13.73 20.32 -28.65
CA ALA A 5 -14.12 21.69 -28.94
C ALA A 5 -13.81 21.99 -30.42
N ASP A 6 -12.80 21.32 -30.95
CA ASP A 6 -12.47 21.52 -32.36
C ASP A 6 -13.52 20.80 -33.20
N TYR A 7 -14.01 19.67 -32.69
CA TYR A 7 -15.05 18.93 -33.38
C TYR A 7 -16.24 19.86 -33.55
N ILE A 8 -16.88 20.17 -32.44
CA ILE A 8 -18.04 21.07 -32.44
C ILE A 8 -17.74 22.32 -33.27
N ALA A 9 -16.46 22.64 -33.45
CA ALA A 9 -16.10 23.79 -34.27
C ALA A 9 -16.36 23.40 -35.73
N ASP A 10 -15.95 22.19 -36.11
CA ASP A 10 -16.15 21.71 -37.46
C ASP A 10 -17.64 21.58 -37.72
N LYS A 11 -18.35 21.04 -36.73
CA LYS A 11 -19.79 20.85 -36.84
C LYS A 11 -20.53 22.19 -36.93
N ILE A 12 -19.88 23.27 -36.51
CA ILE A 12 -20.54 24.58 -36.57
C ILE A 12 -20.28 25.24 -37.90
N ILE A 13 -19.08 25.05 -38.43
CA ILE A 13 -18.75 25.62 -39.73
C ILE A 13 -19.60 24.90 -40.76
N ARG A 14 -19.88 23.62 -40.49
CA ARG A 14 -20.70 22.80 -41.37
C ARG A 14 -22.16 23.17 -41.24
N GLU A 15 -22.82 22.73 -40.15
CA GLU A 15 -24.22 23.02 -39.90
C GLU A 15 -24.57 24.45 -40.27
N ARG A 16 -24.14 25.39 -39.44
CA ARG A 16 -24.39 26.79 -39.74
C ARG A 16 -23.58 27.03 -41.00
N GLY A 17 -23.90 28.08 -41.75
CA GLY A 17 -23.14 28.33 -42.95
C GLY A 17 -21.79 28.93 -42.58
N GLU A 18 -20.84 28.91 -43.52
CA GLU A 18 -19.52 29.49 -43.29
C GLU A 18 -19.64 31.02 -43.28
N LYS A 19 -19.62 31.62 -42.09
CA LYS A 19 -19.74 33.07 -41.99
C LYS A 19 -18.40 33.73 -41.66
N GLU A 20 -18.43 35.05 -41.53
CA GLU A 20 -17.25 35.84 -41.21
C GLU A 20 -17.01 35.78 -39.71
N LYS A 21 -17.96 36.30 -38.95
CA LYS A 21 -17.90 36.29 -37.49
C LYS A 21 -19.00 35.41 -36.92
N TYR A 22 -18.65 34.47 -36.04
CA TYR A 22 -19.67 33.62 -35.44
C TYR A 22 -20.10 34.16 -34.09
N VAL A 23 -21.25 33.70 -33.61
CA VAL A 23 -21.74 34.16 -32.33
C VAL A 23 -21.97 32.97 -31.41
N VAL A 24 -21.33 33.01 -30.25
CA VAL A 24 -21.45 31.96 -29.24
C VAL A 24 -22.12 32.57 -28.01
N GLU A 25 -22.95 31.81 -27.31
CA GLU A 25 -23.61 32.42 -26.16
C GLU A 25 -23.69 31.56 -24.92
N SER A 26 -23.66 32.24 -23.77
CA SER A 26 -23.79 31.61 -22.46
C SER A 26 -24.71 32.58 -21.71
N GLY A 27 -25.42 32.10 -20.69
CA GLY A 27 -26.31 32.96 -19.97
C GLY A 27 -26.63 32.40 -18.60
N ILE A 28 -26.84 33.29 -17.64
CA ILE A 28 -27.13 32.87 -16.27
C ILE A 28 -28.08 33.86 -15.61
N THR A 29 -28.86 33.37 -14.64
CA THR A 29 -29.77 34.23 -13.87
C THR A 29 -29.09 34.48 -12.53
N PRO A 30 -28.74 35.74 -12.25
CA PRO A 30 -28.07 36.11 -11.00
C PRO A 30 -29.02 36.14 -9.80
N SER A 31 -29.66 35.00 -9.53
CA SER A 31 -30.61 34.89 -8.42
C SER A 31 -29.93 34.48 -7.14
N GLY A 32 -28.64 34.20 -7.26
CA GLY A 32 -27.83 33.79 -6.12
C GLY A 32 -26.41 33.57 -6.62
N TYR A 33 -25.53 33.05 -5.77
CA TYR A 33 -24.16 32.83 -6.18
C TYR A 33 -23.97 31.91 -7.39
N VAL A 34 -23.38 32.47 -8.44
CA VAL A 34 -23.13 31.73 -9.66
C VAL A 34 -21.96 30.83 -9.29
N HIS A 35 -22.15 29.52 -9.40
CA HIS A 35 -21.11 28.59 -9.03
C HIS A 35 -20.29 27.90 -10.12
N VAL A 36 -19.44 27.01 -9.65
CA VAL A 36 -18.54 26.21 -10.46
C VAL A 36 -19.29 25.43 -11.56
N GLY A 37 -20.56 25.15 -11.30
CA GLY A 37 -21.39 24.45 -12.26
C GLY A 37 -21.94 25.40 -13.32
N ASN A 38 -22.22 26.64 -12.94
CA ASN A 38 -22.71 27.63 -13.88
C ASN A 38 -21.54 28.04 -14.76
N PHE A 39 -20.37 28.21 -14.15
CA PHE A 39 -19.20 28.61 -14.90
C PHE A 39 -18.90 27.62 -16.04
N ARG A 40 -19.29 26.36 -15.89
CA ARG A 40 -19.01 25.41 -16.95
C ARG A 40 -19.63 25.83 -18.26
N GLU A 41 -20.80 26.46 -18.20
CA GLU A 41 -21.48 26.90 -19.40
C GLU A 41 -20.71 28.00 -20.11
N LEU A 42 -20.27 29.00 -19.36
CA LEU A 42 -19.53 30.10 -19.97
C LEU A 42 -18.23 29.55 -20.56
N PHE A 43 -17.58 28.65 -19.84
CA PHE A 43 -16.33 28.07 -20.30
C PHE A 43 -16.50 27.27 -21.59
N THR A 44 -17.59 26.50 -21.66
CA THR A 44 -17.87 25.69 -22.84
C THR A 44 -18.06 26.61 -24.05
N ALA A 45 -18.73 27.73 -23.84
CA ALA A 45 -18.96 28.68 -24.92
C ALA A 45 -17.62 29.29 -25.34
N TYR A 46 -16.77 29.57 -24.37
CA TYR A 46 -15.46 30.17 -24.63
C TYR A 46 -14.50 29.23 -25.33
N ILE A 47 -14.51 27.96 -24.94
CA ILE A 47 -13.58 27.03 -25.54
C ILE A 47 -13.94 26.82 -27.00
N VAL A 48 -15.21 26.60 -27.29
CA VAL A 48 -15.64 26.41 -28.66
C VAL A 48 -15.36 27.70 -29.43
N GLY A 49 -15.65 28.85 -28.82
CA GLY A 49 -15.40 30.12 -29.48
C GLY A 49 -13.92 30.27 -29.81
N HIS A 50 -13.08 29.76 -28.90
CA HIS A 50 -11.62 29.80 -28.99
C HIS A 50 -11.12 28.95 -30.15
N ALA A 51 -11.67 27.75 -30.30
CA ALA A 51 -11.24 26.87 -31.39
C ALA A 51 -11.72 27.48 -32.70
N LEU A 52 -12.84 28.19 -32.66
CA LEU A 52 -13.38 28.82 -33.86
C LEU A 52 -12.40 29.84 -34.42
N ARG A 53 -11.65 30.49 -33.55
CA ARG A 53 -10.66 31.46 -34.01
C ARG A 53 -9.45 30.66 -34.49
N ASP A 54 -9.28 29.47 -33.94
CA ASP A 54 -8.17 28.61 -34.32
C ASP A 54 -8.31 28.14 -35.77
N LYS A 55 -9.40 28.54 -36.41
CA LYS A 55 -9.62 28.16 -37.79
C LYS A 55 -9.69 29.41 -38.66
N GLY A 56 -9.26 30.53 -38.08
CA GLY A 56 -9.25 31.78 -38.82
C GLY A 56 -10.52 32.59 -38.73
N TYR A 57 -11.61 32.01 -38.24
CA TYR A 57 -12.86 32.77 -38.15
C TYR A 57 -12.82 33.75 -36.99
N GLU A 58 -13.81 34.64 -36.95
CA GLU A 58 -13.91 35.65 -35.89
C GLU A 58 -15.14 35.31 -35.05
N VAL A 59 -15.09 35.56 -33.74
CA VAL A 59 -16.22 35.22 -32.89
C VAL A 59 -16.56 36.23 -31.80
N ARG A 60 -17.84 36.27 -31.43
CA ARG A 60 -18.32 37.13 -30.36
C ARG A 60 -18.93 36.22 -29.32
N HIS A 61 -18.39 36.25 -28.11
CA HIS A 61 -18.91 35.43 -27.03
C HIS A 61 -19.78 36.35 -26.20
N ILE A 62 -21.08 36.14 -26.29
CA ILE A 62 -22.05 36.93 -25.54
C ILE A 62 -22.38 36.20 -24.27
N HIS A 63 -22.26 36.87 -23.12
CA HIS A 63 -22.69 36.23 -21.90
C HIS A 63 -23.86 37.05 -21.42
N MET A 64 -25.07 36.48 -21.51
CA MET A 64 -26.28 37.19 -21.12
C MET A 64 -26.68 37.01 -19.68
N TRP A 65 -26.89 38.12 -18.99
CA TRP A 65 -27.31 38.10 -17.60
C TRP A 65 -28.82 38.33 -17.54
N ASP A 66 -29.57 37.29 -17.18
CA ASP A 66 -31.01 37.43 -17.09
C ASP A 66 -31.33 38.05 -15.75
N ASP A 67 -30.80 39.25 -15.55
CA ASP A 67 -31.00 39.97 -14.29
C ASP A 67 -32.33 40.67 -14.27
N TYR A 68 -33.16 40.38 -15.29
CA TYR A 68 -34.48 40.97 -15.36
C TYR A 68 -35.56 39.96 -14.98
N ASP A 69 -35.14 38.78 -14.54
CA ASP A 69 -36.09 37.75 -14.14
C ASP A 69 -36.69 38.13 -12.81
N ARG A 70 -37.92 37.70 -12.55
CA ARG A 70 -38.58 38.01 -11.29
C ARG A 70 -37.81 37.38 -10.12
N PHE A 71 -38.10 37.83 -8.91
CA PHE A 71 -37.44 37.33 -7.72
C PHE A 71 -38.36 36.29 -7.09
N ARG A 72 -38.16 35.03 -7.47
CA ARG A 72 -38.97 33.93 -6.99
C ARG A 72 -38.73 33.58 -5.53
N LYS A 73 -37.59 32.96 -5.24
CA LYS A 73 -37.30 32.57 -3.87
C LYS A 73 -36.15 33.30 -3.19
N VAL A 74 -36.18 33.27 -1.85
CA VAL A 74 -35.20 33.90 -0.98
C VAL A 74 -34.23 32.84 -0.47
N PRO A 75 -32.99 32.80 -1.00
CA PRO A 75 -32.01 31.80 -0.57
C PRO A 75 -31.71 31.80 0.93
N ARG A 76 -30.68 31.04 1.29
CA ARG A 76 -30.24 30.96 2.68
C ARG A 76 -29.24 32.09 2.85
N ASN A 77 -28.96 32.46 4.10
CA ASN A 77 -28.01 33.54 4.38
C ASN A 77 -28.56 34.90 3.99
N VAL A 78 -29.58 34.92 3.13
CA VAL A 78 -30.21 36.17 2.73
C VAL A 78 -31.35 36.43 3.72
N PRO A 79 -31.35 37.62 4.34
CA PRO A 79 -32.39 37.98 5.32
C PRO A 79 -33.79 37.53 4.90
N GLN A 80 -34.52 36.93 5.84
CA GLN A 80 -35.88 36.47 5.57
C GLN A 80 -36.79 37.66 5.31
N GLU A 81 -36.42 38.80 5.89
CA GLU A 81 -37.21 40.02 5.75
C GLU A 81 -37.24 40.55 4.32
N TRP A 82 -36.73 39.75 3.38
CA TRP A 82 -36.70 40.16 1.97
C TRP A 82 -37.76 39.51 1.09
N LYS A 83 -38.77 38.95 1.75
CA LYS A 83 -39.88 38.32 1.07
C LYS A 83 -40.67 39.42 0.37
N ASP A 84 -40.55 40.63 0.91
CA ASP A 84 -41.23 41.81 0.40
C ASP A 84 -40.82 42.22 -1.00
N TYR A 85 -39.75 41.64 -1.51
CA TYR A 85 -39.26 42.01 -2.83
C TYR A 85 -39.56 40.96 -3.88
N LEU A 86 -40.22 39.88 -3.47
CA LEU A 86 -40.56 38.81 -4.39
C LEU A 86 -41.47 39.39 -5.46
N GLY A 87 -41.39 38.84 -6.67
CA GLY A 87 -42.21 39.36 -7.76
C GLY A 87 -41.48 40.46 -8.51
N MET A 88 -40.55 41.14 -7.85
CA MET A 88 -39.79 42.22 -8.48
C MET A 88 -38.66 41.64 -9.28
N PRO A 89 -38.16 42.38 -10.28
CA PRO A 89 -37.05 41.83 -11.06
C PRO A 89 -35.81 41.92 -10.16
N ILE A 90 -34.88 40.98 -10.29
CA ILE A 90 -33.70 40.98 -9.42
C ILE A 90 -32.83 42.23 -9.53
N SER A 91 -32.78 42.81 -10.72
CA SER A 91 -31.99 44.01 -10.97
C SER A 91 -32.56 45.25 -10.29
N GLU A 92 -33.64 45.09 -9.54
CA GLU A 92 -34.25 46.21 -8.85
C GLU A 92 -34.51 45.87 -7.41
N VAL A 93 -34.21 44.63 -7.06
CA VAL A 93 -34.35 44.17 -5.68
C VAL A 93 -33.11 44.75 -4.98
N PRO A 94 -33.25 45.23 -3.74
CA PRO A 94 -32.06 45.79 -3.09
C PRO A 94 -30.95 44.75 -2.94
N ASP A 95 -29.83 45.15 -2.33
CA ASP A 95 -28.72 44.25 -2.10
C ASP A 95 -28.79 43.92 -0.62
N PRO A 96 -28.94 42.63 -0.28
CA PRO A 96 -29.03 42.23 1.12
C PRO A 96 -27.88 42.70 2.01
N TRP A 97 -26.72 42.91 1.40
CA TRP A 97 -25.55 43.32 2.16
C TRP A 97 -25.10 44.77 1.97
N GLY A 98 -25.80 45.50 1.09
CA GLY A 98 -25.49 46.90 0.86
C GLY A 98 -24.32 47.27 -0.05
N CYS A 99 -23.40 46.35 -0.28
CA CYS A 99 -22.23 46.62 -1.12
C CYS A 99 -22.48 47.00 -2.59
N HIS A 100 -23.66 46.68 -3.11
CA HIS A 100 -23.96 46.98 -4.50
C HIS A 100 -25.32 47.63 -4.67
N GLU A 101 -25.60 48.10 -5.89
CA GLU A 101 -26.88 48.74 -6.16
C GLU A 101 -28.07 47.78 -6.12
N SER A 102 -27.95 46.63 -6.77
CA SER A 102 -29.04 45.68 -6.80
C SER A 102 -28.66 44.31 -6.27
N TYR A 103 -29.66 43.44 -6.17
CA TYR A 103 -29.49 42.07 -5.71
C TYR A 103 -28.69 41.37 -6.81
N ALA A 104 -29.13 41.56 -8.04
CA ALA A 104 -28.47 40.95 -9.19
C ALA A 104 -27.01 41.38 -9.33
N GLU A 105 -26.70 42.64 -8.98
CA GLU A 105 -25.34 43.16 -9.09
C GLU A 105 -24.36 42.47 -8.17
N HIS A 106 -24.78 42.19 -6.94
CA HIS A 106 -23.93 41.53 -5.97
C HIS A 106 -23.41 40.20 -6.53
N PHE A 107 -24.31 39.38 -7.07
CA PHE A 107 -23.94 38.09 -7.64
C PHE A 107 -23.25 38.18 -9.01
N MET A 108 -23.59 39.20 -9.78
CA MET A 108 -22.97 39.39 -11.09
C MET A 108 -21.53 39.87 -10.93
N ARG A 109 -21.29 40.82 -10.01
CA ARG A 109 -19.95 41.34 -9.81
C ARG A 109 -19.00 40.25 -9.37
N LYS A 110 -19.43 39.43 -8.42
CA LYS A 110 -18.59 38.36 -7.91
C LYS A 110 -18.17 37.45 -9.06
N PHE A 111 -19.12 37.06 -9.89
CA PHE A 111 -18.79 36.17 -10.98
C PHE A 111 -17.87 36.79 -12.03
N GLU A 112 -18.16 38.02 -12.44
CA GLU A 112 -17.34 38.67 -13.44
C GLU A 112 -15.90 38.83 -12.93
N GLU A 113 -15.75 39.09 -11.64
CA GLU A 113 -14.41 39.22 -11.11
C GLU A 113 -13.73 37.87 -11.07
N GLU A 114 -14.50 36.82 -10.79
CA GLU A 114 -13.92 35.48 -10.75
C GLU A 114 -13.49 35.03 -12.14
N VAL A 115 -14.16 35.54 -13.17
CA VAL A 115 -13.83 35.15 -14.53
C VAL A 115 -12.58 35.85 -15.08
N GLU A 116 -12.34 37.07 -14.65
CA GLU A 116 -11.18 37.85 -15.06
C GLU A 116 -9.85 37.20 -14.68
N LYS A 117 -9.80 36.67 -13.47
CA LYS A 117 -8.59 36.02 -12.97
C LYS A 117 -8.27 34.78 -13.80
N LEU A 118 -9.22 34.38 -14.63
CA LEU A 118 -9.05 33.23 -15.50
C LEU A 118 -8.61 33.71 -16.89
N GLY A 119 -8.68 35.03 -17.08
CA GLY A 119 -8.28 35.63 -18.33
C GLY A 119 -9.22 35.39 -19.49
N ILE A 120 -10.47 35.04 -19.19
CA ILE A 120 -11.48 34.75 -20.21
C ILE A 120 -12.33 35.97 -20.56
N GLU A 121 -12.24 36.41 -21.81
CA GLU A 121 -12.98 37.59 -22.28
C GLU A 121 -14.34 37.27 -22.90
N VAL A 122 -15.35 38.08 -22.57
CA VAL A 122 -16.69 37.90 -23.10
C VAL A 122 -17.41 39.24 -23.13
N ASP A 123 -18.50 39.32 -23.90
CA ASP A 123 -19.27 40.55 -23.93
C ASP A 123 -20.39 40.35 -22.92
N LEU A 124 -20.34 41.09 -21.83
CA LEU A 124 -21.36 40.98 -20.81
C LEU A 124 -22.56 41.83 -21.20
N LEU A 125 -23.74 41.22 -21.28
CA LEU A 125 -24.96 41.96 -21.63
C LEU A 125 -25.94 41.83 -20.47
N TYR A 126 -26.77 42.84 -20.26
CA TYR A 126 -27.73 42.80 -19.17
C TYR A 126 -29.15 42.94 -19.66
N ALA A 127 -29.95 41.90 -19.44
CA ALA A 127 -31.34 41.90 -19.84
C ALA A 127 -32.02 43.21 -19.42
N SER A 128 -31.80 43.62 -18.18
CA SER A 128 -32.42 44.83 -17.66
C SER A 128 -32.13 46.05 -18.54
N GLU A 129 -30.91 46.15 -19.04
CA GLU A 129 -30.57 47.27 -19.91
C GLU A 129 -31.15 47.13 -21.32
N LEU A 130 -31.00 45.95 -21.91
CA LEU A 130 -31.55 45.72 -23.24
C LEU A 130 -33.07 45.97 -23.26
N TYR A 131 -33.77 45.48 -22.23
CA TYR A 131 -35.21 45.67 -22.16
C TYR A 131 -35.56 47.14 -22.06
N LYS A 132 -35.09 47.79 -21.00
CA LYS A 132 -35.33 49.21 -20.78
C LYS A 132 -35.11 50.06 -22.03
N ARG A 133 -33.98 49.84 -22.71
CA ARG A 133 -33.64 50.60 -23.93
C ARG A 133 -34.58 50.30 -25.09
N GLY A 134 -35.52 49.39 -24.88
CA GLY A 134 -36.44 49.03 -25.94
C GLY A 134 -35.75 48.28 -27.07
N GLU A 135 -34.62 47.68 -26.77
CA GLU A 135 -33.89 46.95 -27.80
C GLU A 135 -34.68 45.73 -28.29
N TYR A 136 -35.74 45.39 -27.55
CA TYR A 136 -36.56 44.24 -27.90
C TYR A 136 -38.00 44.54 -28.32
N SER A 137 -38.31 45.82 -28.51
CA SER A 137 -39.66 46.25 -28.91
C SER A 137 -40.28 45.37 -29.99
N GLU A 138 -39.68 45.36 -31.17
CA GLU A 138 -40.22 44.58 -32.27
C GLU A 138 -40.42 43.10 -31.92
N GLU A 139 -39.34 42.38 -31.62
CA GLU A 139 -39.46 40.96 -31.30
C GLU A 139 -40.52 40.65 -30.26
N ILE A 140 -40.81 41.61 -29.40
CA ILE A 140 -41.82 41.39 -28.37
C ILE A 140 -43.21 41.40 -29.01
N ARG A 141 -43.44 42.37 -29.89
CA ARG A 141 -44.71 42.48 -30.58
C ARG A 141 -45.00 41.19 -31.34
N LEU A 142 -44.03 40.70 -32.11
CA LEU A 142 -44.22 39.45 -32.86
C LEU A 142 -44.70 38.35 -31.93
N ALA A 143 -44.13 38.31 -30.73
CA ALA A 143 -44.53 37.30 -29.75
C ALA A 143 -46.04 37.36 -29.60
N PHE A 144 -46.57 38.56 -29.43
CA PHE A 144 -48.01 38.74 -29.28
C PHE A 144 -48.72 38.43 -30.59
N GLU A 145 -48.04 38.74 -31.70
CA GLU A 145 -48.61 38.51 -33.01
C GLU A 145 -48.66 37.02 -33.34
N LYS A 146 -47.84 36.23 -32.67
CA LYS A 146 -47.81 34.79 -32.90
C LYS A 146 -48.20 34.03 -31.64
N ARG A 147 -48.96 34.69 -30.77
CA ARG A 147 -49.39 34.07 -29.53
C ARG A 147 -49.93 32.67 -29.73
N ASP A 148 -50.99 32.57 -30.52
CA ASP A 148 -51.64 31.31 -30.82
C ASP A 148 -50.66 30.27 -31.34
N LYS A 149 -49.66 30.72 -32.09
CA LYS A 149 -48.65 29.82 -32.63
C LYS A 149 -47.77 29.31 -31.47
N ILE A 150 -47.31 30.24 -30.64
CA ILE A 150 -46.51 29.88 -29.48
C ILE A 150 -47.27 28.87 -28.62
N MET A 151 -48.53 29.18 -28.29
CA MET A 151 -49.36 28.30 -27.46
C MET A 151 -49.49 26.94 -28.14
N GLU A 152 -49.61 26.95 -29.46
CA GLU A 152 -49.73 25.73 -30.23
C GLU A 152 -48.51 24.85 -29.94
N ILE A 153 -47.32 25.42 -30.13
CA ILE A 153 -46.04 24.73 -29.92
C ILE A 153 -45.85 24.19 -28.48
N LEU A 154 -46.18 25.01 -27.49
CA LEU A 154 -46.02 24.59 -26.11
C LEU A 154 -47.02 23.50 -25.71
N ASN A 155 -48.19 23.50 -26.33
CA ASN A 155 -49.19 22.47 -26.03
C ASN A 155 -48.81 21.20 -26.82
N LYS A 156 -48.05 21.38 -27.90
CA LYS A 156 -47.62 20.24 -28.70
C LYS A 156 -46.72 19.37 -27.83
N TYR A 157 -45.82 19.99 -27.07
CA TYR A 157 -44.91 19.24 -26.21
C TYR A 157 -45.53 18.90 -24.87
N ARG A 158 -46.33 19.81 -24.32
CA ARG A 158 -46.97 19.53 -23.06
C ARG A 158 -47.81 18.25 -23.18
N GLU A 159 -48.33 17.99 -24.38
CA GLU A 159 -49.18 16.83 -24.61
C GLU A 159 -48.38 15.55 -24.74
N ILE A 160 -47.18 15.63 -25.31
CA ILE A 160 -46.34 14.44 -25.44
C ILE A 160 -46.04 13.90 -24.06
N ALA A 161 -45.89 14.79 -23.09
CA ALA A 161 -45.58 14.40 -21.72
C ALA A 161 -46.85 14.31 -20.88
N LYS A 162 -48.01 14.45 -21.54
CA LYS A 162 -49.28 14.37 -20.85
C LYS A 162 -49.46 15.38 -19.71
N GLN A 163 -48.83 16.54 -19.89
CA GLN A 163 -48.92 17.65 -18.94
C GLN A 163 -50.08 18.47 -19.49
N PRO A 164 -50.92 19.04 -18.62
CA PRO A 164 -52.04 19.82 -19.18
C PRO A 164 -51.65 21.06 -20.01
N PRO A 165 -52.47 21.39 -21.03
CA PRO A 165 -52.24 22.53 -21.92
C PRO A 165 -52.24 23.86 -21.17
N LEU A 166 -51.69 24.89 -21.82
CA LEU A 166 -51.61 26.22 -21.22
C LEU A 166 -52.98 26.76 -20.90
N PRO A 167 -53.09 27.57 -19.83
CA PRO A 167 -54.37 28.16 -19.45
C PRO A 167 -54.91 28.97 -20.62
N GLU A 168 -56.23 28.98 -20.76
CA GLU A 168 -56.91 29.68 -21.84
C GLU A 168 -56.43 31.12 -22.11
N ASN A 169 -56.38 31.94 -21.06
CA ASN A 169 -55.95 33.33 -21.22
C ASN A 169 -54.47 33.54 -20.90
N TRP A 170 -53.62 32.79 -21.61
CA TRP A 170 -52.17 32.82 -21.45
C TRP A 170 -51.47 33.73 -22.48
N TRP A 171 -50.65 34.65 -21.98
CA TRP A 171 -49.90 35.55 -22.84
C TRP A 171 -48.41 35.16 -22.76
N PRO A 172 -47.67 35.32 -23.86
CA PRO A 172 -46.25 34.99 -23.89
C PRO A 172 -45.31 35.99 -23.23
N ALA A 173 -45.84 36.80 -22.32
CA ALA A 173 -45.04 37.79 -21.64
C ALA A 173 -45.71 38.23 -20.34
N MET A 174 -44.94 38.90 -19.50
CA MET A 174 -45.42 39.39 -18.21
C MET A 174 -45.29 40.91 -18.18
N VAL A 175 -45.73 41.52 -17.10
CA VAL A 175 -45.63 42.95 -16.97
C VAL A 175 -45.16 43.34 -15.57
N TYR A 176 -44.34 44.40 -15.53
CA TYR A 176 -43.83 44.91 -14.28
C TYR A 176 -44.51 46.26 -14.01
N CYS A 177 -45.45 46.26 -13.07
CA CYS A 177 -46.19 47.47 -12.72
C CYS A 177 -45.28 48.65 -12.46
N PRO A 178 -45.43 49.73 -13.24
CA PRO A 178 -44.58 50.92 -13.06
C PRO A 178 -44.77 51.56 -11.69
N GLU A 179 -45.95 51.41 -11.12
CA GLU A 179 -46.27 51.97 -9.81
C GLU A 179 -45.83 51.13 -8.61
N HIS A 180 -45.45 49.88 -8.84
CA HIS A 180 -45.03 49.01 -7.73
C HIS A 180 -43.93 48.03 -8.11
N ARG A 181 -43.60 47.99 -9.40
CA ARG A 181 -42.56 47.15 -9.96
C ARG A 181 -42.62 45.65 -9.69
N ARG A 182 -43.81 45.15 -9.38
CA ARG A 182 -43.97 43.72 -9.13
C ARG A 182 -44.58 43.12 -10.40
N GLU A 183 -44.42 41.81 -10.59
CA GLU A 183 -44.95 41.16 -11.78
C GLU A 183 -46.47 41.29 -11.84
N ALA A 184 -47.05 41.05 -13.01
CA ALA A 184 -48.49 41.14 -13.17
C ALA A 184 -48.94 40.45 -14.45
N GLU A 185 -50.04 39.72 -14.36
CA GLU A 185 -50.56 39.01 -15.51
C GLU A 185 -51.13 39.97 -16.54
N ILE A 186 -50.78 39.75 -17.80
CA ILE A 186 -51.28 40.59 -18.87
C ILE A 186 -52.75 40.20 -19.09
N ILE A 187 -53.59 41.20 -19.27
CA ILE A 187 -55.02 40.99 -19.48
C ILE A 187 -55.39 41.11 -20.96
N GLU A 188 -55.02 42.23 -21.58
CA GLU A 188 -55.35 42.45 -22.99
C GLU A 188 -54.24 43.06 -23.83
N TRP A 189 -54.42 42.99 -25.14
CA TRP A 189 -53.47 43.52 -26.10
C TRP A 189 -54.21 44.00 -27.35
N ASP A 190 -53.56 44.81 -28.17
CA ASP A 190 -54.16 45.29 -29.42
C ASP A 190 -53.65 44.40 -30.55
N GLY A 191 -53.09 45.03 -31.57
CA GLY A 191 -52.53 44.31 -32.70
C GLY A 191 -51.21 44.99 -32.90
N GLY A 192 -50.94 45.93 -31.99
CA GLY A 192 -49.71 46.71 -31.98
C GLY A 192 -49.54 47.32 -30.59
N TRP A 193 -48.32 47.24 -30.07
CA TRP A 193 -47.96 47.78 -28.76
C TRP A 193 -49.06 47.60 -27.69
N LYS A 194 -49.11 48.52 -26.73
CA LYS A 194 -50.09 48.52 -25.65
C LYS A 194 -50.65 47.18 -25.14
N VAL A 195 -50.50 46.94 -23.84
CA VAL A 195 -51.00 45.72 -23.20
C VAL A 195 -51.64 46.10 -21.87
N LYS A 196 -52.73 45.43 -21.52
CA LYS A 196 -53.41 45.71 -20.26
C LYS A 196 -52.99 44.66 -19.26
N TYR A 197 -52.86 45.06 -17.99
CA TYR A 197 -52.44 44.13 -16.95
C TYR A 197 -53.30 44.26 -15.69
N LYS A 198 -53.44 43.15 -14.96
CA LYS A 198 -54.22 43.15 -13.72
C LYS A 198 -53.35 42.95 -12.48
N CYS A 199 -52.70 44.02 -12.03
CA CYS A 199 -51.83 43.97 -10.86
C CYS A 199 -52.35 43.09 -9.74
N PRO A 200 -51.44 42.38 -9.04
CA PRO A 200 -51.82 41.49 -7.94
C PRO A 200 -52.56 42.29 -6.86
N GLU A 201 -53.62 41.69 -6.33
CA GLU A 201 -54.49 42.29 -5.31
C GLU A 201 -55.61 43.09 -5.98
N GLY A 202 -55.49 44.41 -5.98
CA GLY A 202 -56.52 45.25 -6.59
C GLY A 202 -56.00 46.37 -7.47
N HIS A 203 -56.12 46.18 -8.78
CA HIS A 203 -55.67 47.18 -9.74
C HIS A 203 -55.83 46.73 -11.19
N GLU A 204 -55.64 47.66 -12.12
CA GLU A 204 -55.74 47.41 -13.55
C GLU A 204 -54.85 48.44 -14.22
N GLY A 205 -54.74 48.40 -15.56
CA GLY A 205 -53.91 49.38 -16.23
C GLY A 205 -53.37 49.01 -17.60
N TRP A 206 -52.75 49.98 -18.26
CA TRP A 206 -52.16 49.77 -19.56
C TRP A 206 -50.69 50.13 -19.52
N VAL A 207 -49.91 49.46 -20.38
CA VAL A 207 -48.47 49.69 -20.48
C VAL A 207 -48.07 49.49 -21.93
N ASP A 208 -47.08 50.25 -22.39
CA ASP A 208 -46.63 50.17 -23.77
C ASP A 208 -45.43 49.24 -23.92
N ILE A 209 -45.56 48.24 -24.80
CA ILE A 209 -44.47 47.30 -25.05
C ILE A 209 -43.15 48.02 -25.32
N ARG A 210 -43.22 49.16 -26.01
CA ARG A 210 -42.03 49.92 -26.35
C ARG A 210 -41.28 50.48 -25.14
N SER A 211 -41.90 50.40 -23.96
CA SER A 211 -41.21 50.85 -22.76
C SER A 211 -40.36 49.64 -22.37
N GLY A 212 -40.21 49.37 -21.08
CA GLY A 212 -39.42 48.21 -20.73
C GLY A 212 -40.11 47.32 -19.71
N ASN A 213 -41.40 47.53 -19.51
CA ASN A 213 -42.13 46.75 -18.52
C ASN A 213 -42.92 45.58 -19.08
N VAL A 214 -42.56 45.10 -20.25
CA VAL A 214 -43.22 43.96 -20.85
C VAL A 214 -42.16 42.92 -21.18
N LYS A 215 -41.98 41.96 -20.29
CA LYS A 215 -40.97 40.93 -20.46
C LYS A 215 -41.49 39.63 -21.03
N LEU A 216 -40.77 39.09 -22.01
CA LEU A 216 -41.14 37.83 -22.63
C LEU A 216 -40.86 36.64 -21.73
N ARG A 217 -41.88 35.83 -21.44
CA ARG A 217 -41.70 34.65 -20.61
C ARG A 217 -40.54 33.88 -21.18
N TRP A 218 -39.82 33.19 -20.32
CA TRP A 218 -38.64 32.46 -20.75
C TRP A 218 -38.71 31.58 -22.01
N ARG A 219 -39.78 30.83 -22.20
CA ARG A 219 -39.86 29.95 -23.37
C ARG A 219 -39.70 30.74 -24.66
N VAL A 220 -40.25 31.94 -24.69
CA VAL A 220 -40.15 32.79 -25.88
C VAL A 220 -38.91 33.69 -25.79
N ASP A 221 -38.67 34.20 -24.59
CA ASP A 221 -37.54 35.08 -24.33
C ASP A 221 -36.20 34.54 -24.78
N TRP A 222 -36.01 33.24 -24.71
CA TRP A 222 -34.73 32.65 -25.12
C TRP A 222 -34.55 32.66 -26.65
N PRO A 223 -35.41 31.95 -27.41
CA PRO A 223 -35.26 31.96 -28.87
C PRO A 223 -35.27 33.37 -29.48
N MET A 224 -36.00 34.29 -28.86
CA MET A 224 -36.02 35.67 -29.36
C MET A 224 -34.57 36.19 -29.29
N ARG A 225 -33.93 35.91 -28.17
CA ARG A 225 -32.55 36.32 -27.95
C ARG A 225 -31.62 35.71 -29.02
N TRP A 226 -31.85 34.45 -29.37
CA TRP A 226 -31.04 33.77 -30.38
C TRP A 226 -31.23 34.44 -31.74
N SER A 227 -32.37 35.09 -31.90
CA SER A 227 -32.73 35.77 -33.14
C SER A 227 -32.13 37.17 -33.20
N HIS A 228 -32.33 37.93 -32.13
CA HIS A 228 -31.82 39.29 -32.04
C HIS A 228 -30.32 39.28 -32.34
N PHE A 229 -29.57 38.54 -31.54
CA PHE A 229 -28.14 38.42 -31.76
C PHE A 229 -28.13 37.23 -32.70
N GLY A 230 -27.01 36.94 -33.35
CA GLY A 230 -27.02 35.83 -34.28
C GLY A 230 -26.50 34.52 -33.72
N VAL A 231 -26.76 34.28 -32.46
CA VAL A 231 -26.26 33.07 -31.80
C VAL A 231 -26.19 31.84 -32.70
N ASP A 232 -24.98 31.30 -32.86
CA ASP A 232 -24.75 30.13 -33.66
C ASP A 232 -24.50 28.92 -32.77
N PHE A 233 -23.97 29.18 -31.58
CA PHE A 233 -23.71 28.11 -30.61
C PHE A 233 -24.02 28.56 -29.19
N GLU A 234 -24.62 27.66 -28.41
CA GLU A 234 -24.96 27.94 -27.03
C GLU A 234 -25.21 26.64 -26.26
N PRO A 235 -24.25 26.25 -25.41
CA PRO A 235 -24.40 25.02 -24.65
C PRO A 235 -25.39 25.29 -23.53
N ALA A 236 -25.92 24.25 -22.91
CA ALA A 236 -26.88 24.44 -21.84
C ALA A 236 -26.98 23.22 -20.92
N GLY A 237 -27.58 23.42 -19.76
CA GLY A 237 -27.73 22.34 -18.80
C GLY A 237 -28.59 21.22 -19.34
N LYS A 238 -28.40 20.02 -18.78
CA LYS A 238 -29.17 18.86 -19.21
C LYS A 238 -30.65 19.20 -19.18
N ASP A 239 -31.09 19.81 -18.07
CA ASP A 239 -32.48 20.18 -17.86
C ASP A 239 -33.13 21.02 -18.96
N HIS A 240 -32.33 21.72 -19.76
CA HIS A 240 -32.86 22.55 -20.84
C HIS A 240 -32.81 21.78 -22.17
N LEU A 241 -32.08 20.66 -22.18
CA LEU A 241 -31.96 19.86 -23.38
C LEU A 241 -32.83 18.62 -23.35
N VAL A 242 -33.55 18.40 -22.25
CA VAL A 242 -34.44 17.26 -22.13
C VAL A 242 -35.58 17.43 -23.14
N ALA A 243 -35.95 16.32 -23.78
CA ALA A 243 -37.01 16.27 -24.80
C ALA A 243 -37.82 17.53 -25.09
N GLY A 244 -38.85 17.81 -24.30
CA GLY A 244 -39.65 18.98 -24.60
C GLY A 244 -39.33 20.20 -23.78
N SER A 245 -38.05 20.40 -23.49
CA SER A 245 -37.67 21.53 -22.68
C SER A 245 -37.33 22.78 -23.47
N SER A 246 -36.75 23.74 -22.76
CA SER A 246 -36.34 25.02 -23.30
C SER A 246 -35.93 25.02 -24.77
N TYR A 247 -34.89 24.24 -25.06
CA TYR A 247 -34.33 24.14 -26.39
C TYR A 247 -35.27 23.65 -27.48
N ASP A 248 -35.79 22.44 -27.32
CA ASP A 248 -36.69 21.87 -28.32
C ASP A 248 -37.88 22.75 -28.62
N THR A 249 -38.40 23.37 -27.58
CA THR A 249 -39.54 24.26 -27.69
C THR A 249 -39.12 25.61 -28.27
N GLY A 250 -37.83 25.92 -28.17
CA GLY A 250 -37.34 27.18 -28.71
C GLY A 250 -36.90 26.99 -30.15
N LYS A 251 -36.44 25.77 -30.43
CA LYS A 251 -35.98 25.40 -31.76
C LYS A 251 -37.13 25.56 -32.75
N GLU A 252 -38.35 25.62 -32.23
CA GLU A 252 -39.52 25.78 -33.07
C GLU A 252 -40.00 27.23 -33.07
N ILE A 253 -40.07 27.84 -31.88
CA ILE A 253 -40.50 29.23 -31.76
C ILE A 253 -39.63 30.22 -32.54
N ILE A 254 -38.31 30.03 -32.52
CA ILE A 254 -37.45 30.92 -33.27
C ILE A 254 -37.75 30.80 -34.77
N LYS A 255 -38.12 29.60 -35.20
CA LYS A 255 -38.43 29.31 -36.60
C LYS A 255 -39.79 29.88 -37.01
N GLU A 256 -40.84 29.33 -36.42
CA GLU A 256 -42.20 29.75 -36.72
C GLU A 256 -42.55 31.17 -36.34
N VAL A 257 -41.68 31.82 -35.57
CA VAL A 257 -41.93 33.19 -35.13
C VAL A 257 -40.92 34.21 -35.64
N TYR A 258 -39.64 33.86 -35.61
CA TYR A 258 -38.62 34.79 -36.07
C TYR A 258 -37.94 34.29 -37.34
N GLY A 259 -38.50 33.25 -37.94
CA GLY A 259 -37.95 32.70 -39.16
C GLY A 259 -36.44 32.49 -39.15
N LYS A 260 -35.94 31.91 -38.07
CA LYS A 260 -34.52 31.64 -37.95
C LYS A 260 -34.32 30.22 -37.46
N GLU A 261 -33.11 29.69 -37.66
CA GLU A 261 -32.78 28.34 -37.19
C GLU A 261 -32.15 28.51 -35.81
N ALA A 262 -32.43 27.59 -34.91
CA ALA A 262 -31.87 27.67 -33.58
C ALA A 262 -30.39 27.36 -33.66
N PRO A 263 -29.59 27.90 -32.72
CA PRO A 263 -28.17 27.63 -32.75
C PRO A 263 -27.94 26.16 -32.35
N LEU A 264 -26.72 25.66 -32.57
CA LEU A 264 -26.42 24.29 -32.19
C LEU A 264 -26.21 24.31 -30.68
N SER A 265 -26.32 23.17 -30.02
CA SER A 265 -26.12 23.17 -28.59
C SER A 265 -25.23 22.01 -28.13
N LEU A 266 -25.07 21.89 -26.82
CA LEU A 266 -24.23 20.86 -26.22
C LEU A 266 -24.55 20.74 -24.74
N MET A 267 -24.68 19.51 -24.26
CA MET A 267 -25.00 19.30 -22.86
C MET A 267 -23.73 19.19 -22.01
N TYR A 268 -23.60 20.07 -21.02
CA TYR A 268 -22.46 20.02 -20.14
C TYR A 268 -22.96 19.43 -18.82
N GLU A 269 -22.16 18.55 -18.23
CA GLU A 269 -22.55 17.87 -17.00
C GLU A 269 -22.12 18.56 -15.71
N PHE A 270 -22.61 18.03 -14.59
CA PHE A 270 -22.35 18.52 -13.24
C PHE A 270 -20.88 18.73 -12.88
N VAL A 271 -20.66 19.63 -11.93
CA VAL A 271 -19.31 19.93 -11.47
C VAL A 271 -19.32 20.05 -9.95
N GLY A 272 -18.39 19.36 -9.30
CA GLY A 272 -18.31 19.40 -7.85
C GLY A 272 -16.94 18.94 -7.34
N ILE A 273 -16.83 18.87 -6.02
CA ILE A 273 -15.60 18.47 -5.36
C ILE A 273 -15.80 17.08 -4.78
N LYS A 274 -14.75 16.27 -4.75
CA LYS A 274 -14.84 14.93 -4.20
C LYS A 274 -15.04 14.98 -2.70
N GLY A 275 -15.58 13.89 -2.15
CA GLY A 275 -15.82 13.82 -0.71
C GLY A 275 -16.79 14.90 -0.27
N GLN A 276 -17.92 14.99 -0.97
CA GLN A 276 -18.92 15.98 -0.68
C GLN A 276 -20.16 15.77 -1.53
N ASN A 286 -23.66 25.08 0.77
CA ASN A 286 -22.86 23.92 0.25
C ASN A 286 -22.49 24.14 -1.21
N VAL A 287 -22.66 25.37 -1.67
CA VAL A 287 -22.34 25.73 -3.03
C VAL A 287 -20.84 25.99 -3.13
N ILE A 288 -20.23 25.63 -4.27
CA ILE A 288 -18.80 25.83 -4.50
C ILE A 288 -18.62 26.86 -5.59
N LEU A 289 -17.86 27.90 -5.31
CA LEU A 289 -17.60 28.96 -6.27
C LEU A 289 -16.17 28.91 -6.80
N LEU A 290 -15.91 29.69 -7.85
CA LEU A 290 -14.57 29.69 -8.40
C LEU A 290 -13.63 30.20 -7.31
N SER A 291 -14.11 31.08 -6.44
CA SER A 291 -13.29 31.61 -5.36
C SER A 291 -12.78 30.48 -4.48
N ASP A 292 -13.62 29.48 -4.23
CA ASP A 292 -13.23 28.35 -3.40
C ASP A 292 -12.07 27.60 -4.07
N LEU A 293 -12.16 27.36 -5.37
CA LEU A 293 -11.09 26.66 -6.06
C LEU A 293 -9.80 27.49 -6.07
N TYR A 294 -9.94 28.81 -6.10
CA TYR A 294 -8.78 29.70 -6.14
C TYR A 294 -7.93 29.62 -4.88
N GLU A 295 -8.55 29.24 -3.77
CA GLU A 295 -7.78 29.15 -2.54
C GLU A 295 -6.63 28.18 -2.69
N VAL A 296 -6.80 27.21 -3.58
CA VAL A 296 -5.75 26.21 -3.71
C VAL A 296 -5.40 25.76 -5.15
N LEU A 297 -6.11 26.28 -6.16
CA LEU A 297 -5.84 25.92 -7.55
C LEU A 297 -5.45 27.13 -8.40
N GLU A 298 -4.32 27.04 -9.09
CA GLU A 298 -3.89 28.13 -9.95
C GLU A 298 -4.96 28.31 -11.02
N PRO A 299 -5.15 29.54 -11.48
CA PRO A 299 -6.15 29.83 -12.52
C PRO A 299 -5.94 29.00 -13.79
N GLY A 300 -4.69 28.75 -14.16
CA GLY A 300 -4.42 27.96 -15.34
C GLY A 300 -4.87 26.52 -15.14
N LEU A 301 -4.65 26.03 -13.93
CA LEU A 301 -5.03 24.67 -13.58
C LEU A 301 -6.56 24.53 -13.71
N VAL A 302 -7.29 25.49 -13.16
CA VAL A 302 -8.75 25.47 -13.25
C VAL A 302 -9.15 25.33 -14.72
N ARG A 303 -8.66 26.26 -15.55
CA ARG A 303 -8.95 26.23 -16.99
C ARG A 303 -8.65 24.86 -17.62
N PHE A 304 -7.48 24.30 -17.31
CA PHE A 304 -7.08 23.01 -17.84
C PHE A 304 -8.04 21.88 -17.41
N ILE A 305 -8.47 21.91 -16.15
CA ILE A 305 -9.38 20.90 -15.65
C ILE A 305 -10.68 20.91 -16.46
N TYR A 306 -11.16 22.10 -16.82
CA TYR A 306 -12.39 22.18 -17.61
C TYR A 306 -12.17 21.83 -19.08
N ALA A 307 -10.93 21.94 -19.55
CA ALA A 307 -10.63 21.63 -20.93
C ALA A 307 -10.25 20.17 -21.12
N ARG A 308 -9.92 19.50 -20.03
CA ARG A 308 -9.49 18.11 -20.06
C ARG A 308 -10.62 17.09 -20.06
N HIS A 309 -11.84 17.53 -19.74
CA HIS A 309 -12.97 16.61 -19.71
C HIS A 309 -13.93 16.78 -20.87
N ARG A 310 -14.75 15.77 -21.09
CA ARG A 310 -15.76 15.81 -22.14
C ARG A 310 -17.00 16.44 -21.51
N PRO A 311 -17.66 17.33 -22.24
CA PRO A 311 -18.85 18.02 -21.75
C PRO A 311 -19.86 17.20 -20.96
N ASN A 312 -20.07 15.96 -21.35
CA ASN A 312 -21.08 15.12 -20.68
C ASN A 312 -20.54 14.17 -19.63
N LYS A 313 -19.31 14.40 -19.23
CA LYS A 313 -18.67 13.61 -18.18
C LYS A 313 -18.58 14.61 -17.03
N GLU A 314 -19.14 14.28 -15.87
CA GLU A 314 -19.09 15.24 -14.77
C GLU A 314 -17.69 15.45 -14.21
N ILE A 315 -17.43 16.66 -13.74
CA ILE A 315 -16.12 17.00 -13.18
C ILE A 315 -16.16 16.91 -11.65
N LYS A 316 -15.29 16.08 -11.10
CA LYS A 316 -15.19 15.91 -9.64
C LYS A 316 -13.76 16.21 -9.23
N ILE A 317 -13.51 17.42 -8.75
CA ILE A 317 -12.16 17.83 -8.37
C ILE A 317 -11.82 17.40 -6.95
N ASP A 318 -10.69 16.72 -6.81
CA ASP A 318 -10.23 16.25 -5.51
C ASP A 318 -9.31 17.34 -4.95
N LEU A 319 -9.84 18.13 -4.02
CA LEU A 319 -9.03 19.19 -3.41
C LEU A 319 -8.18 18.66 -2.25
N GLY A 320 -8.35 17.38 -1.94
CA GLY A 320 -7.58 16.76 -0.88
C GLY A 320 -6.26 16.19 -1.37
N LEU A 321 -5.96 14.97 -0.94
CA LEU A 321 -4.71 14.30 -1.31
C LEU A 321 -4.50 14.21 -2.83
N GLY A 322 -5.58 14.11 -3.59
CA GLY A 322 -5.45 14.00 -5.03
C GLY A 322 -5.06 15.28 -5.76
N ILE A 323 -4.87 16.38 -5.04
CA ILE A 323 -4.50 17.64 -5.65
C ILE A 323 -3.01 17.62 -6.02
N LEU A 324 -2.25 16.76 -5.35
CA LEU A 324 -0.83 16.64 -5.58
C LEU A 324 -0.57 16.01 -6.96
N ASN A 325 -1.33 14.97 -7.32
CA ASN A 325 -1.16 14.35 -8.64
C ASN A 325 -1.76 15.24 -9.70
N LEU A 326 -2.71 16.10 -9.29
CA LEU A 326 -3.31 17.01 -10.25
C LEU A 326 -2.21 17.93 -10.77
N TYR A 327 -1.53 18.63 -9.87
CA TYR A 327 -0.45 19.53 -10.23
C TYR A 327 0.66 18.84 -11.04
N ASP A 328 1.01 17.62 -10.64
CA ASP A 328 2.07 16.87 -11.31
C ASP A 328 1.71 16.59 -12.76
N GLU A 329 0.46 16.17 -12.98
CA GLU A 329 -0.01 15.87 -14.33
C GLU A 329 -0.11 17.18 -15.11
N PHE A 330 -0.56 18.24 -14.46
CA PHE A 330 -0.68 19.51 -15.15
C PHE A 330 0.72 19.96 -15.54
N GLU A 331 1.64 19.99 -14.58
CA GLU A 331 3.00 20.40 -14.86
C GLU A 331 3.61 19.61 -16.01
N LYS A 332 3.47 18.28 -15.93
CA LYS A 332 4.02 17.39 -16.96
C LYS A 332 3.55 17.78 -18.34
N VAL A 333 2.25 18.08 -18.48
CA VAL A 333 1.69 18.48 -19.77
C VAL A 333 2.28 19.81 -20.24
N GLU A 334 2.49 20.73 -19.30
CA GLU A 334 3.07 22.01 -19.67
C GLU A 334 4.50 21.80 -20.20
N ARG A 335 5.23 20.88 -19.58
CA ARG A 335 6.59 20.58 -20.00
C ARG A 335 6.57 19.93 -21.37
N ILE A 336 5.71 18.93 -21.57
CA ILE A 336 5.63 18.29 -22.87
C ILE A 336 5.21 19.31 -23.94
N TYR A 337 4.31 20.23 -23.59
CA TYR A 337 3.87 21.21 -24.56
C TYR A 337 5.02 22.01 -25.11
N PHE A 338 5.90 22.49 -24.24
CA PHE A 338 7.04 23.28 -24.69
C PHE A 338 8.24 22.38 -25.04
N GLY A 339 7.95 21.11 -25.28
CA GLY A 339 8.98 20.14 -25.64
C GLY A 339 10.13 19.96 -24.67
N VAL A 340 10.11 20.69 -23.55
CA VAL A 340 11.18 20.59 -22.57
C VAL A 340 11.14 19.22 -21.90
N GLU A 341 10.33 18.33 -22.44
CA GLU A 341 10.21 16.99 -21.90
C GLU A 341 9.70 16.06 -22.99
N GLY A 342 10.04 14.77 -22.89
CA GLY A 342 9.63 13.80 -23.88
C GLY A 342 8.15 13.78 -24.20
N GLU A 348 0.46 14.58 -27.46
CA GLU A 348 -0.14 14.74 -28.81
C GLU A 348 -1.53 15.38 -28.72
N GLU A 349 -2.45 14.70 -28.03
CA GLU A 349 -3.81 15.22 -27.87
C GLU A 349 -3.88 16.21 -26.71
N LEU A 350 -3.16 15.92 -25.63
CA LEU A 350 -3.13 16.80 -24.47
C LEU A 350 -2.50 18.11 -24.89
N ARG A 351 -1.67 18.06 -25.92
CA ARG A 351 -1.01 19.25 -26.44
C ARG A 351 -2.02 20.34 -26.82
N ARG A 352 -3.06 19.96 -27.57
CA ARG A 352 -4.07 20.93 -27.99
C ARG A 352 -4.96 21.35 -26.82
N THR A 353 -5.05 20.49 -25.80
CA THR A 353 -5.86 20.80 -24.62
C THR A 353 -5.21 21.98 -23.91
N TYR A 354 -3.89 21.96 -23.84
CA TYR A 354 -3.17 23.03 -23.19
C TYR A 354 -3.44 24.35 -23.90
N GLU A 355 -3.46 24.33 -25.23
CA GLU A 355 -3.70 25.56 -26.00
C GLU A 355 -5.10 26.11 -25.79
N LEU A 356 -6.09 25.24 -25.92
CA LEU A 356 -7.50 25.59 -25.75
C LEU A 356 -7.85 26.06 -24.33
N SER A 357 -7.09 25.64 -23.34
CA SER A 357 -7.40 26.05 -21.97
C SER A 357 -6.83 27.43 -21.71
N MET A 358 -5.91 27.86 -22.57
CA MET A 358 -5.30 29.17 -22.41
C MET A 358 -5.93 30.23 -23.28
N PRO A 359 -6.52 31.28 -22.66
CA PRO A 359 -7.14 32.35 -23.42
C PRO A 359 -6.14 33.03 -24.35
N LYS A 360 -4.95 33.29 -23.84
CA LYS A 360 -3.90 33.89 -24.64
C LYS A 360 -3.06 32.81 -25.32
N LYS A 361 -2.21 33.24 -26.25
CA LYS A 361 -1.34 32.33 -26.96
C LYS A 361 -0.19 31.94 -26.04
N PRO A 362 0.19 30.65 -26.01
CA PRO A 362 1.27 30.15 -25.16
C PRO A 362 2.58 30.87 -25.44
N GLU A 363 3.18 31.45 -24.41
CA GLU A 363 4.43 32.18 -24.57
C GLU A 363 5.63 31.27 -24.27
N ARG A 364 5.71 30.79 -23.03
CA ARG A 364 6.79 29.92 -22.60
C ARG A 364 6.49 29.27 -21.26
N LEU A 365 7.31 28.29 -20.90
CA LEU A 365 7.17 27.57 -19.64
C LEU A 365 7.51 28.48 -18.46
N VAL A 366 6.73 28.40 -17.38
CA VAL A 366 6.98 29.22 -16.20
C VAL A 366 7.35 28.31 -15.04
N ALA A 367 8.38 28.70 -14.28
CA ALA A 367 8.89 27.94 -13.14
C ALA A 367 7.81 27.13 -12.45
N GLN A 368 8.03 25.83 -12.36
CA GLN A 368 7.07 24.93 -11.74
C GLN A 368 7.64 24.28 -10.48
N ALA A 369 7.22 24.79 -9.32
CA ALA A 369 7.66 24.22 -8.04
C ALA A 369 6.66 23.14 -7.70
N PRO A 370 7.07 21.86 -7.70
CA PRO A 370 6.20 20.72 -7.39
C PRO A 370 5.33 20.97 -6.17
N PHE A 371 4.02 20.97 -6.36
CA PHE A 371 3.09 21.22 -5.28
C PHE A 371 3.34 20.36 -4.06
N ARG A 372 3.47 19.06 -4.26
CA ARG A 372 3.69 18.13 -3.15
C ARG A 372 4.90 18.52 -2.31
N PHE A 373 5.90 19.15 -2.92
CA PHE A 373 7.11 19.54 -2.22
C PHE A 373 6.93 20.86 -1.47
N LEU A 374 6.09 21.76 -2.00
CA LEU A 374 5.84 23.02 -1.32
C LEU A 374 5.04 22.70 -0.07
N ALA A 375 4.15 21.70 -0.19
CA ALA A 375 3.34 21.29 0.95
C ALA A 375 4.25 20.89 2.10
N VAL A 376 5.44 20.38 1.75
CA VAL A 376 6.44 19.97 2.71
C VAL A 376 7.25 21.19 3.17
N LEU A 377 7.79 21.94 2.22
CA LEU A 377 8.58 23.13 2.58
C LEU A 377 7.80 24.15 3.42
N VAL A 378 6.53 24.32 3.10
CA VAL A 378 5.68 25.26 3.80
C VAL A 378 5.41 24.85 5.26
N GLN A 379 5.81 23.64 5.65
CA GLN A 379 5.64 23.16 7.02
C GLN A 379 6.95 23.24 7.82
N LEU A 380 7.88 24.03 7.30
CA LEU A 380 9.14 24.27 7.96
C LEU A 380 9.08 25.78 8.17
N PRO A 381 8.65 26.23 9.37
CA PRO A 381 8.51 27.65 9.74
C PRO A 381 9.77 28.51 9.63
N HIS A 382 10.93 27.94 9.88
CA HIS A 382 12.17 28.70 9.78
C HIS A 382 12.49 29.06 8.32
N LEU A 383 11.53 28.88 7.42
CA LEU A 383 11.74 29.17 6.01
C LEU A 383 10.88 30.31 5.48
N THR A 384 11.55 31.30 4.92
CA THR A 384 10.88 32.48 4.36
C THR A 384 10.56 32.18 2.90
N GLU A 385 9.77 33.05 2.26
CA GLU A 385 9.44 32.83 0.86
C GLU A 385 10.73 32.75 0.04
N GLU A 386 11.73 33.53 0.45
CA GLU A 386 13.03 33.56 -0.20
C GLU A 386 13.74 32.22 0.02
N ASP A 387 13.75 31.76 1.26
CA ASP A 387 14.37 30.48 1.58
C ASP A 387 13.73 29.38 0.70
N ILE A 388 12.41 29.38 0.62
CA ILE A 388 11.74 28.37 -0.18
C ILE A 388 12.25 28.45 -1.61
N ILE A 389 12.24 29.65 -2.17
CA ILE A 389 12.69 29.83 -3.54
C ILE A 389 14.11 29.34 -3.73
N ASN A 390 14.95 29.58 -2.72
CA ASN A 390 16.34 29.15 -2.78
C ASN A 390 16.46 27.64 -2.69
N VAL A 391 15.64 27.00 -1.87
CA VAL A 391 15.69 25.55 -1.77
C VAL A 391 15.36 24.99 -3.15
N LEU A 392 14.22 25.42 -3.69
CA LEU A 392 13.79 24.97 -5.00
C LEU A 392 14.89 25.09 -6.04
N ILE A 393 15.74 26.11 -5.87
CA ILE A 393 16.82 26.31 -6.82
C ILE A 393 17.93 25.28 -6.65
N LYS A 394 18.36 25.10 -5.41
CA LYS A 394 19.42 24.15 -5.11
C LYS A 394 19.04 22.73 -5.50
N GLN A 395 17.79 22.36 -5.25
CA GLN A 395 17.34 21.01 -5.60
C GLN A 395 16.91 20.97 -7.06
N GLY A 396 17.10 22.09 -7.75
CA GLY A 396 16.79 22.19 -9.16
C GLY A 396 15.39 21.90 -9.66
N HIS A 397 14.40 22.62 -9.15
CA HIS A 397 13.01 22.46 -9.57
C HIS A 397 12.64 23.64 -10.46
N ILE A 398 13.28 24.77 -10.18
CA ILE A 398 13.07 25.97 -10.96
C ILE A 398 14.45 26.50 -11.36
N PRO A 399 14.55 27.12 -12.55
CA PRO A 399 15.84 27.66 -12.99
C PRO A 399 16.43 28.67 -12.01
N ARG A 400 17.73 28.84 -12.09
CA ARG A 400 18.44 29.78 -11.23
C ARG A 400 18.06 31.21 -11.64
N ASP A 401 17.88 31.39 -12.95
CA ASP A 401 17.49 32.69 -13.50
C ASP A 401 15.97 32.78 -13.60
N LEU A 402 15.36 33.39 -12.61
CA LEU A 402 13.91 33.54 -12.54
C LEU A 402 13.43 34.87 -13.08
N SER A 403 12.52 34.82 -14.05
CA SER A 403 11.99 36.05 -14.62
C SER A 403 11.07 36.72 -13.61
N LYS A 404 10.22 37.63 -14.07
CA LYS A 404 9.28 38.30 -13.18
C LYS A 404 8.06 37.40 -13.04
N GLU A 405 7.66 36.79 -14.16
CA GLU A 405 6.50 35.92 -14.15
C GLU A 405 6.79 34.70 -13.28
N ASP A 406 8.02 34.19 -13.39
CA ASP A 406 8.45 33.03 -12.63
C ASP A 406 8.34 33.20 -11.12
N VAL A 407 8.92 34.27 -10.59
CA VAL A 407 8.86 34.50 -9.15
C VAL A 407 7.41 34.76 -8.77
N GLU A 408 6.65 35.33 -9.69
CA GLU A 408 5.25 35.62 -9.45
C GLU A 408 4.46 34.33 -9.38
N ARG A 409 4.80 33.35 -10.21
CA ARG A 409 4.08 32.09 -10.18
C ARG A 409 4.46 31.19 -9.02
N VAL A 410 5.72 31.23 -8.60
CA VAL A 410 6.19 30.38 -7.51
C VAL A 410 5.70 30.89 -6.16
N LYS A 411 5.53 32.20 -6.06
CA LYS A 411 5.06 32.77 -4.82
C LYS A 411 3.59 32.45 -4.58
N LEU A 412 2.79 32.52 -5.65
CA LEU A 412 1.39 32.24 -5.56
C LEU A 412 1.19 30.78 -5.20
N ARG A 413 1.92 29.90 -5.88
CA ARG A 413 1.79 28.49 -5.59
C ARG A 413 2.21 28.17 -4.17
N ILE A 414 3.17 28.90 -3.63
CA ILE A 414 3.59 28.67 -2.25
C ILE A 414 2.41 28.98 -1.36
N ASN A 415 1.73 30.06 -1.65
CA ASN A 415 0.57 30.44 -0.87
C ASN A 415 -0.53 29.38 -1.07
N LEU A 416 -0.63 28.83 -2.28
CA LEU A 416 -1.64 27.80 -2.54
C LEU A 416 -1.36 26.52 -1.75
N ALA A 417 -0.09 26.22 -1.55
CA ALA A 417 0.27 25.02 -0.81
C ALA A 417 0.04 25.26 0.68
N ARG A 418 0.32 26.46 1.14
CA ARG A 418 0.10 26.82 2.53
C ARG A 418 -1.40 26.72 2.84
N ASN A 419 -2.24 27.16 1.90
CA ASN A 419 -3.69 27.10 2.08
C ASN A 419 -4.20 25.66 2.07
N TRP A 420 -3.65 24.83 1.19
CA TRP A 420 -4.07 23.43 1.07
C TRP A 420 -3.74 22.63 2.32
N VAL A 421 -2.57 22.88 2.91
CA VAL A 421 -2.14 22.15 4.12
C VAL A 421 -3.03 22.50 5.32
N LYS A 422 -3.42 23.76 5.43
CA LYS A 422 -4.26 24.21 6.53
C LYS A 422 -5.70 23.71 6.46
N LYS A 423 -6.27 23.73 5.26
CA LYS A 423 -7.67 23.39 5.06
C LYS A 423 -8.08 22.13 4.30
N TYR A 424 -7.32 21.70 3.29
CA TYR A 424 -7.76 20.52 2.55
C TYR A 424 -6.99 19.22 2.78
N ALA A 425 -5.71 19.33 3.13
CA ALA A 425 -4.88 18.16 3.34
C ALA A 425 -5.36 17.27 4.48
N PRO A 426 -5.20 15.94 4.30
CA PRO A 426 -5.60 15.00 5.34
C PRO A 426 -4.64 15.17 6.49
N GLU A 427 -5.07 14.79 7.70
CA GLU A 427 -4.23 14.94 8.89
C GLU A 427 -2.90 14.19 8.76
N ASP A 428 -2.94 13.00 8.18
CA ASP A 428 -1.73 12.19 8.02
C ASP A 428 -0.50 12.92 7.47
N VAL A 429 -0.68 13.79 6.49
CA VAL A 429 0.48 14.46 5.89
C VAL A 429 0.98 15.69 6.63
N LYS A 430 0.42 15.96 7.80
CA LYS A 430 0.89 17.10 8.59
C LYS A 430 2.03 16.58 9.46
N PHE A 431 3.04 17.42 9.68
CA PHE A 431 4.16 16.99 10.49
C PHE A 431 4.86 18.22 11.05
N SER A 432 5.79 17.98 11.96
CA SER A 432 6.56 19.02 12.59
C SER A 432 7.90 18.39 12.96
N ILE A 433 8.99 19.13 12.76
CA ILE A 433 10.31 18.61 13.09
C ILE A 433 10.51 18.54 14.62
N LEU A 434 11.09 17.44 15.10
CA LEU A 434 11.38 17.29 16.52
C LEU A 434 12.74 17.94 16.82
N GLU A 435 12.79 18.93 17.70
CA GLU A 435 14.06 19.57 18.02
C GLU A 435 14.99 18.64 18.81
N LYS A 436 14.43 17.67 19.51
CA LYS A 436 15.23 16.72 20.26
C LYS A 436 14.78 15.34 19.82
N PRO A 437 15.67 14.35 19.86
CA PRO A 437 15.18 13.04 19.41
C PRO A 437 14.35 12.33 20.48
N PRO A 438 13.45 11.44 20.05
CA PRO A 438 12.61 10.69 20.98
C PRO A 438 13.40 9.44 21.35
N GLU A 439 12.97 8.72 22.38
CA GLU A 439 13.66 7.49 22.76
C GLU A 439 12.98 6.43 21.90
N VAL A 440 13.69 5.91 20.91
CA VAL A 440 13.12 4.92 20.02
C VAL A 440 14.10 3.78 19.84
N GLU A 441 13.59 2.57 19.73
CA GLU A 441 14.48 1.43 19.54
C GLU A 441 15.22 1.62 18.23
N VAL A 442 16.54 1.50 18.27
CA VAL A 442 17.37 1.64 17.07
C VAL A 442 18.42 0.55 17.11
N SER A 443 18.33 -0.40 16.18
CA SER A 443 19.29 -1.50 16.14
C SER A 443 20.70 -1.03 15.77
N GLU A 444 21.69 -1.87 16.08
CA GLU A 444 23.10 -1.57 15.78
C GLU A 444 23.25 -1.34 14.28
N ASP A 445 22.54 -2.13 13.48
CA ASP A 445 22.59 -2.01 12.03
C ASP A 445 22.13 -0.64 11.53
N VAL A 446 20.95 -0.20 11.98
CA VAL A 446 20.42 1.10 11.55
C VAL A 446 21.34 2.20 12.05
N ARG A 447 21.84 2.03 13.26
CA ARG A 447 22.72 3.00 13.87
C ARG A 447 23.94 3.24 12.98
N GLU A 448 24.55 2.14 12.53
CA GLU A 448 25.73 2.21 11.68
C GLU A 448 25.35 2.73 10.29
N ALA A 449 24.14 2.41 9.83
CA ALA A 449 23.68 2.91 8.54
C ALA A 449 23.49 4.45 8.64
N MET A 450 22.91 4.93 9.73
CA MET A 450 22.70 6.36 9.87
C MET A 450 24.05 7.04 9.97
N ASN A 451 25.02 6.38 10.59
CA ASN A 451 26.37 6.95 10.70
C ASN A 451 27.00 7.09 9.31
N GLU A 452 26.73 6.14 8.41
CA GLU A 452 27.28 6.23 7.04
C GLU A 452 26.65 7.38 6.25
N VAL A 453 25.35 7.57 6.41
CA VAL A 453 24.62 8.63 5.72
C VAL A 453 25.11 10.00 6.22
N ALA A 454 25.37 10.08 7.51
CA ALA A 454 25.86 11.32 8.10
C ALA A 454 27.25 11.67 7.54
N GLU A 455 28.10 10.66 7.40
CA GLU A 455 29.45 10.89 6.88
C GLU A 455 29.40 11.38 5.45
N TRP A 456 28.56 10.74 4.64
CA TRP A 456 28.38 11.13 3.25
C TRP A 456 27.87 12.59 3.20
N LEU A 457 26.99 12.97 4.12
CA LEU A 457 26.45 14.33 4.17
C LEU A 457 27.52 15.31 4.67
N GLU A 458 28.43 14.82 5.49
CA GLU A 458 29.49 15.65 6.03
C GLU A 458 30.60 15.90 4.98
N ASN A 459 30.77 14.97 4.05
CA ASN A 459 31.78 15.15 3.03
C ASN A 459 31.21 15.68 1.72
N HIS A 460 29.90 15.95 1.70
CA HIS A 460 29.23 16.44 0.51
C HIS A 460 28.37 17.66 0.74
N GLU A 461 28.99 18.84 0.84
CA GLU A 461 28.22 20.04 1.04
C GLU A 461 27.20 20.15 -0.11
N GLU A 462 27.66 19.88 -1.33
CA GLU A 462 26.82 19.94 -2.53
C GLU A 462 26.52 18.55 -3.05
N PHE A 463 25.34 18.37 -3.63
CA PHE A 463 24.93 17.09 -4.22
C PHE A 463 23.53 17.19 -4.80
N SER A 464 23.12 16.22 -5.61
CA SER A 464 21.77 16.28 -6.15
C SER A 464 20.92 15.37 -5.29
N VAL A 465 19.66 15.75 -5.13
CA VAL A 465 18.72 14.99 -4.34
C VAL A 465 18.64 13.57 -4.85
N GLU A 466 18.56 13.46 -6.17
CA GLU A 466 18.46 12.18 -6.84
C GLU A 466 19.53 11.20 -6.36
N GLU A 467 20.76 11.67 -6.21
CA GLU A 467 21.85 10.80 -5.75
C GLU A 467 21.74 10.57 -4.26
N PHE A 468 21.41 11.62 -3.51
CA PHE A 468 21.25 11.49 -2.08
C PHE A 468 20.23 10.40 -1.82
N ASN A 469 19.21 10.36 -2.65
CA ASN A 469 18.19 9.36 -2.50
C ASN A 469 18.72 7.96 -2.83
N ASN A 470 19.63 7.87 -3.80
CA ASN A 470 20.20 6.58 -4.14
C ASN A 470 21.08 6.10 -2.98
N ILE A 471 21.80 7.03 -2.37
CA ILE A 471 22.68 6.73 -1.25
C ILE A 471 21.88 6.17 -0.06
N LEU A 472 20.64 6.64 0.10
CA LEU A 472 19.78 6.19 1.19
C LEU A 472 19.35 4.72 1.07
N PHE A 473 19.25 4.22 -0.16
CA PHE A 473 18.89 2.82 -0.37
C PHE A 473 20.15 1.96 -0.36
N GLU A 474 21.25 2.55 -0.80
CA GLU A 474 22.54 1.88 -0.88
C GLU A 474 22.95 1.39 0.50
N VAL A 475 22.99 2.32 1.45
CA VAL A 475 23.36 2.06 2.83
C VAL A 475 22.43 1.04 3.48
N ALA A 476 21.14 1.12 3.18
CA ALA A 476 20.17 0.19 3.73
C ALA A 476 20.43 -1.18 3.14
N LYS A 477 20.72 -1.23 1.85
CA LYS A 477 21.00 -2.50 1.19
C LYS A 477 22.28 -3.14 1.74
N ARG A 478 23.37 -2.37 1.81
CA ARG A 478 24.63 -2.91 2.34
C ARG A 478 24.52 -3.51 3.74
N ARG A 479 23.72 -2.91 4.61
CA ARG A 479 23.58 -3.39 5.97
C ARG A 479 22.48 -4.43 6.15
N GLY A 480 21.64 -4.62 5.14
CA GLY A 480 20.57 -5.59 5.24
C GLY A 480 19.37 -5.11 6.04
N ILE A 481 18.94 -3.88 5.80
CA ILE A 481 17.80 -3.31 6.51
C ILE A 481 16.60 -3.13 5.58
N SER A 482 15.43 -3.59 6.01
CA SER A 482 14.21 -3.47 5.23
C SER A 482 13.77 -2.01 5.11
N SER A 483 12.80 -1.77 4.25
CA SER A 483 12.29 -0.43 4.04
C SER A 483 11.51 0.07 5.25
N ARG A 484 10.62 -0.77 5.78
CA ARG A 484 9.82 -0.32 6.91
C ARG A 484 10.67 0.00 8.13
N GLU A 485 11.67 -0.81 8.40
CA GLU A 485 12.51 -0.52 9.57
C GLU A 485 13.39 0.70 9.34
N TRP A 486 13.96 0.79 8.14
CA TRP A 486 14.86 1.86 7.76
C TRP A 486 14.15 3.22 7.71
N PHE A 487 13.12 3.32 6.89
CA PHE A 487 12.41 4.59 6.78
C PHE A 487 11.55 4.96 8.00
N SER A 488 10.83 4.00 8.58
CA SER A 488 10.04 4.34 9.76
C SER A 488 10.95 4.82 10.90
N THR A 489 12.17 4.32 10.98
CA THR A 489 13.07 4.79 12.06
C THR A 489 13.52 6.23 11.80
N LEU A 490 13.95 6.52 10.57
CA LEU A 490 14.40 7.87 10.22
C LEU A 490 13.23 8.85 10.37
N TYR A 491 12.02 8.43 10.00
CA TYR A 491 10.87 9.31 10.14
C TYR A 491 10.59 9.59 11.62
N ARG A 492 10.72 8.56 12.45
CA ARG A 492 10.48 8.71 13.87
C ARG A 492 11.47 9.60 14.58
N LEU A 493 12.74 9.51 14.20
CA LEU A 493 13.76 10.32 14.85
C LEU A 493 13.68 11.76 14.44
N PHE A 494 13.20 11.96 13.21
CA PHE A 494 13.10 13.31 12.67
C PHE A 494 11.78 14.04 12.88
N ILE A 495 10.65 13.37 12.63
CA ILE A 495 9.35 14.00 12.79
C ILE A 495 8.42 13.23 13.73
N GLY A 496 8.96 12.22 14.40
CA GLY A 496 8.16 11.45 15.33
C GLY A 496 6.97 10.67 14.78
N LYS A 497 7.07 10.20 13.53
CA LYS A 497 5.98 9.42 12.92
C LYS A 497 6.61 8.27 12.17
N GLU A 498 5.79 7.28 11.79
CA GLU A 498 6.28 6.14 11.06
C GLU A 498 6.44 6.48 9.59
N ARG A 499 5.57 7.36 9.09
CA ARG A 499 5.63 7.75 7.70
C ARG A 499 5.73 9.26 7.55
N GLY A 500 6.22 9.71 6.41
CA GLY A 500 6.35 11.14 6.19
C GLY A 500 6.67 11.57 4.78
N PRO A 501 7.14 12.80 4.61
CA PRO A 501 7.50 13.36 3.30
C PRO A 501 8.57 12.52 2.58
N ARG A 502 8.64 12.62 1.25
CA ARG A 502 9.64 11.89 0.49
C ARG A 502 10.95 12.23 1.21
N LEU A 503 11.65 11.21 1.66
CA LEU A 503 12.83 11.42 2.46
C LEU A 503 13.98 12.25 1.94
N ALA A 504 14.52 11.90 0.77
CA ALA A 504 15.65 12.63 0.20
C ALA A 504 15.45 14.15 0.13
N SER A 505 14.41 14.61 -0.54
CA SER A 505 14.25 16.05 -0.63
C SER A 505 13.90 16.68 0.73
N PHE A 506 13.33 15.89 1.64
CA PHE A 506 12.99 16.44 2.94
C PHE A 506 14.27 16.81 3.70
N LEU A 507 15.07 15.79 3.98
CA LEU A 507 16.31 15.96 4.71
C LEU A 507 17.24 17.01 4.10
N ALA A 508 17.30 17.08 2.77
CA ALA A 508 18.17 18.04 2.12
C ALA A 508 17.75 19.49 2.38
N SER A 509 16.46 19.67 2.69
CA SER A 509 15.88 20.99 2.96
C SER A 509 16.16 21.53 4.34
N LEU A 510 16.60 20.66 5.23
CA LEU A 510 16.88 21.04 6.61
C LEU A 510 18.30 21.56 6.84
N ASP A 511 18.52 22.14 8.01
CA ASP A 511 19.84 22.65 8.37
C ASP A 511 20.69 21.40 8.28
N ARG A 512 21.80 21.50 7.57
CA ARG A 512 22.67 20.33 7.39
C ARG A 512 23.27 19.77 8.66
N SER A 513 23.75 20.63 9.56
CA SER A 513 24.35 20.13 10.79
C SER A 513 23.30 19.57 11.75
N PHE A 514 22.05 19.92 11.53
CA PHE A 514 20.97 19.40 12.35
C PHE A 514 20.70 17.96 11.94
N VAL A 515 20.74 17.70 10.63
CA VAL A 515 20.48 16.36 10.14
C VAL A 515 21.60 15.41 10.53
N ILE A 516 22.82 15.89 10.41
CA ILE A 516 23.99 15.11 10.76
C ILE A 516 23.95 14.73 12.23
N LYS A 517 23.80 15.72 13.11
CA LYS A 517 23.76 15.44 14.54
C LYS A 517 22.63 14.48 14.92
N ARG A 518 21.50 14.60 14.23
CA ARG A 518 20.39 13.71 14.53
C ARG A 518 20.68 12.29 14.08
N LEU A 519 21.23 12.12 12.88
CA LEU A 519 21.59 10.79 12.37
C LEU A 519 22.62 10.14 13.29
N ARG A 520 23.46 10.97 13.90
CA ARG A 520 24.49 10.47 14.80
C ARG A 520 23.95 10.31 16.21
N LEU A 521 22.63 10.40 16.33
CA LEU A 521 21.94 10.24 17.60
C LEU A 521 22.62 11.01 18.71
N GLU A 522 22.88 12.30 18.48
CA GLU A 522 23.54 13.09 19.49
C GLU A 522 23.00 14.51 19.52
N GLY A 523 21.77 14.67 19.03
CA GLY A 523 21.18 16.01 19.00
C GLY A 523 19.90 16.09 18.20
N HIS B 3 6.84 -13.70 22.75
CA HIS B 3 6.09 -12.41 22.86
C HIS B 3 6.12 -11.66 21.54
N TRP B 4 7.24 -11.69 20.81
CA TRP B 4 7.22 -10.95 19.57
C TRP B 4 6.06 -11.43 18.68
N ALA B 5 5.69 -12.71 18.78
CA ALA B 5 4.58 -13.22 17.99
C ALA B 5 3.27 -12.59 18.45
N ASP B 6 3.10 -12.39 19.76
CA ASP B 6 1.88 -11.74 20.21
C ASP B 6 1.91 -10.31 19.61
N TYR B 7 3.09 -9.68 19.67
CA TYR B 7 3.28 -8.34 19.15
C TYR B 7 2.90 -8.20 17.68
N ILE B 8 3.36 -9.14 16.86
CA ILE B 8 3.01 -9.07 15.44
C ILE B 8 1.53 -9.37 15.31
N ALA B 9 1.01 -10.19 16.23
CA ALA B 9 -0.40 -10.53 16.23
C ALA B 9 -1.21 -9.24 16.30
N ASP B 10 -0.87 -8.42 17.30
CA ASP B 10 -1.52 -7.14 17.51
C ASP B 10 -1.44 -6.27 16.26
N LYS B 11 -0.19 -5.93 15.90
CA LYS B 11 0.10 -5.09 14.75
C LYS B 11 -0.73 -5.47 13.54
N ILE B 12 -0.92 -6.77 13.33
CA ILE B 12 -1.70 -7.22 12.20
C ILE B 12 -3.17 -6.80 12.35
N ILE B 13 -3.74 -7.07 13.51
CA ILE B 13 -5.14 -6.75 13.77
C ILE B 13 -5.42 -5.27 13.52
N ARG B 14 -4.61 -4.40 14.11
CA ARG B 14 -4.77 -2.95 13.98
C ARG B 14 -4.47 -2.36 12.59
N GLU B 15 -3.45 -2.87 11.92
CA GLU B 15 -3.09 -2.33 10.61
C GLU B 15 -3.84 -2.93 9.43
N ARG B 16 -4.52 -4.06 9.66
CA ARG B 16 -5.27 -4.69 8.58
C ARG B 16 -6.78 -4.60 8.82
N GLY B 17 -7.17 -4.44 10.07
CA GLY B 17 -8.58 -4.36 10.41
C GLY B 17 -9.10 -5.73 10.84
N GLU B 18 -9.90 -5.76 11.90
CA GLU B 18 -10.44 -7.01 12.41
C GLU B 18 -11.16 -7.78 11.30
N LYS B 19 -10.68 -9.00 11.02
CA LYS B 19 -11.26 -9.84 9.99
C LYS B 19 -11.78 -11.16 10.55
N GLU B 20 -12.42 -11.95 9.69
CA GLU B 20 -12.94 -13.25 10.09
C GLU B 20 -11.83 -14.27 9.95
N LYS B 21 -11.19 -14.26 8.78
CA LYS B 21 -10.10 -15.19 8.48
C LYS B 21 -8.85 -14.45 8.01
N TYR B 22 -7.73 -14.70 8.69
CA TYR B 22 -6.47 -14.09 8.32
C TYR B 22 -5.62 -15.12 7.63
N VAL B 23 -4.86 -14.71 6.63
CA VAL B 23 -4.01 -15.65 5.92
C VAL B 23 -2.53 -15.30 6.02
N VAL B 24 -1.78 -16.24 6.59
CA VAL B 24 -0.33 -16.10 6.78
C VAL B 24 0.31 -16.95 5.68
N GLU B 25 1.54 -16.65 5.30
CA GLU B 25 2.16 -17.42 4.23
C GLU B 25 3.67 -17.50 4.25
N SER B 26 4.17 -18.61 3.71
CA SER B 26 5.60 -18.87 3.57
C SER B 26 5.71 -19.62 2.25
N GLY B 27 6.87 -19.57 1.62
CA GLY B 27 7.05 -20.24 0.36
C GLY B 27 8.50 -20.57 0.06
N ILE B 28 8.72 -21.56 -0.80
CA ILE B 28 10.08 -21.96 -1.14
C ILE B 28 10.12 -22.55 -2.54
N THR B 29 11.33 -22.67 -3.09
CA THR B 29 11.56 -23.23 -4.41
C THR B 29 12.28 -24.56 -4.21
N PRO B 30 11.59 -25.68 -4.48
CA PRO B 30 12.21 -27.00 -4.31
C PRO B 30 13.33 -27.36 -5.30
N SER B 31 14.39 -26.56 -5.32
CA SER B 31 15.52 -26.80 -6.23
C SER B 31 16.72 -27.40 -5.50
N GLY B 32 16.46 -28.02 -4.35
CA GLY B 32 17.50 -28.63 -3.55
C GLY B 32 16.94 -28.92 -2.18
N TYR B 33 17.80 -29.35 -1.26
CA TYR B 33 17.34 -29.66 0.09
C TYR B 33 16.93 -28.40 0.85
N VAL B 34 15.69 -28.38 1.34
CA VAL B 34 15.15 -27.25 2.10
C VAL B 34 15.74 -27.30 3.51
N HIS B 35 16.60 -26.34 3.84
CA HIS B 35 17.26 -26.32 5.14
C HIS B 35 16.57 -25.59 6.28
N VAL B 36 17.28 -25.49 7.41
CA VAL B 36 16.79 -24.84 8.62
C VAL B 36 16.52 -23.34 8.43
N GLY B 37 17.26 -22.71 7.53
CA GLY B 37 17.01 -21.30 7.26
C GLY B 37 15.63 -21.25 6.65
N ASN B 38 15.42 -22.06 5.63
CA ASN B 38 14.14 -22.15 4.94
C ASN B 38 13.01 -22.25 5.95
N PHE B 39 12.99 -23.37 6.67
CA PHE B 39 11.98 -23.64 7.68
C PHE B 39 11.62 -22.48 8.60
N ARG B 40 12.61 -21.65 8.94
CA ARG B 40 12.31 -20.53 9.83
C ARG B 40 11.23 -19.65 9.25
N GLU B 41 11.14 -19.56 7.94
CA GLU B 41 10.09 -18.74 7.33
C GLU B 41 8.77 -19.38 7.71
N LEU B 42 8.62 -20.67 7.41
CA LEU B 42 7.41 -21.40 7.75
C LEU B 42 7.10 -21.33 9.25
N PHE B 43 8.12 -21.47 10.10
CA PHE B 43 7.89 -21.39 11.54
C PHE B 43 7.37 -20.01 11.96
N THR B 44 8.00 -18.95 11.46
CA THR B 44 7.55 -17.60 11.81
C THR B 44 6.11 -17.39 11.37
N ALA B 45 5.75 -17.96 10.23
CA ALA B 45 4.38 -17.84 9.76
C ALA B 45 3.47 -18.56 10.75
N TYR B 46 3.92 -19.73 11.18
CA TYR B 46 3.19 -20.58 12.12
C TYR B 46 2.98 -19.98 13.50
N ILE B 47 4.01 -19.39 14.09
CA ILE B 47 3.84 -18.86 15.44
C ILE B 47 3.02 -17.57 15.46
N VAL B 48 3.11 -16.78 14.40
CA VAL B 48 2.33 -15.56 14.33
C VAL B 48 0.87 -15.98 14.09
N GLY B 49 0.69 -16.99 13.23
CA GLY B 49 -0.64 -17.48 12.97
C GLY B 49 -1.23 -18.02 14.27
N HIS B 50 -0.43 -18.83 14.94
CA HIS B 50 -0.83 -19.41 16.22
C HIS B 50 -1.22 -18.28 17.17
N ALA B 51 -0.49 -17.17 17.10
CA ALA B 51 -0.76 -16.03 17.96
C ALA B 51 -2.14 -15.42 17.68
N LEU B 52 -2.49 -15.31 16.40
CA LEU B 52 -3.77 -14.74 16.00
C LEU B 52 -4.94 -15.52 16.60
N ARG B 53 -4.91 -16.84 16.43
CA ARG B 53 -5.97 -17.69 16.97
C ARG B 53 -6.09 -17.45 18.47
N ASP B 54 -4.94 -17.36 19.14
CA ASP B 54 -4.92 -17.13 20.58
C ASP B 54 -5.72 -15.90 20.95
N LYS B 55 -6.02 -15.08 19.95
CA LYS B 55 -6.79 -13.87 20.16
C LYS B 55 -8.26 -14.18 19.86
N GLY B 56 -8.48 -15.16 18.99
CA GLY B 56 -9.84 -15.55 18.64
C GLY B 56 -10.03 -15.81 17.17
N TYR B 57 -9.54 -14.90 16.34
CA TYR B 57 -9.65 -15.00 14.89
C TYR B 57 -9.21 -16.35 14.36
N GLU B 58 -9.51 -16.62 13.10
CA GLU B 58 -9.11 -17.88 12.51
C GLU B 58 -7.94 -17.58 11.58
N VAL B 59 -7.19 -18.60 11.20
CA VAL B 59 -6.03 -18.41 10.34
C VAL B 59 -5.88 -19.52 9.30
N ARG B 60 -5.31 -19.15 8.16
CA ARG B 60 -5.08 -20.06 7.05
C ARG B 60 -3.60 -19.98 6.68
N HIS B 61 -2.76 -20.73 7.38
CA HIS B 61 -1.34 -20.70 7.05
C HIS B 61 -1.18 -21.48 5.76
N ILE B 62 -0.70 -20.79 4.73
CA ILE B 62 -0.49 -21.41 3.44
C ILE B 62 0.99 -21.49 3.16
N HIS B 63 1.44 -22.65 2.68
CA HIS B 63 2.84 -22.80 2.33
C HIS B 63 2.92 -23.04 0.84
N MET B 64 3.30 -21.99 0.12
CA MET B 64 3.41 -22.02 -1.32
C MET B 64 4.72 -22.65 -1.80
N TRP B 65 4.59 -23.66 -2.65
CA TRP B 65 5.76 -24.33 -3.21
C TRP B 65 5.99 -23.81 -4.62
N ASP B 66 7.13 -23.14 -4.83
CA ASP B 66 7.48 -22.61 -6.14
C ASP B 66 8.28 -23.65 -6.88
N ASP B 67 7.58 -24.69 -7.33
CA ASP B 67 8.16 -25.82 -8.05
C ASP B 67 8.12 -25.54 -9.56
N TYR B 68 7.46 -24.44 -9.91
CA TYR B 68 7.31 -24.08 -11.31
C TYR B 68 8.48 -23.24 -11.81
N ASP B 69 9.46 -23.03 -10.93
CA ASP B 69 10.66 -22.27 -11.29
C ASP B 69 11.50 -23.05 -12.31
N ARG B 70 12.49 -22.38 -12.89
CA ARG B 70 13.35 -23.03 -13.88
C ARG B 70 14.51 -23.74 -13.23
N PHE B 71 14.79 -24.96 -13.69
CA PHE B 71 15.90 -25.72 -13.16
C PHE B 71 17.18 -25.00 -13.61
N ARG B 72 17.53 -23.93 -12.89
CA ARG B 72 18.71 -23.14 -13.24
C ARG B 72 20.08 -23.78 -13.03
N LYS B 73 20.25 -24.55 -11.96
CA LYS B 73 21.53 -25.18 -11.68
C LYS B 73 21.42 -26.54 -10.99
N VAL B 74 22.52 -27.30 -11.05
CA VAL B 74 22.59 -28.63 -10.42
C VAL B 74 23.46 -28.55 -9.16
N PRO B 75 22.82 -28.40 -7.98
CA PRO B 75 23.51 -28.31 -6.69
C PRO B 75 24.61 -29.36 -6.49
N ARG B 76 25.54 -29.06 -5.57
CA ARG B 76 26.63 -29.97 -5.28
C ARG B 76 26.16 -31.16 -4.43
N ASN B 77 25.46 -32.08 -5.08
CA ASN B 77 24.92 -33.28 -4.45
C ASN B 77 24.17 -34.04 -5.55
N VAL B 78 23.69 -33.28 -6.53
CA VAL B 78 22.94 -33.82 -7.67
C VAL B 78 23.90 -34.17 -8.80
N PRO B 79 23.61 -35.25 -9.55
CA PRO B 79 24.45 -35.68 -10.66
C PRO B 79 24.94 -34.54 -11.57
N GLN B 80 26.22 -34.60 -11.91
CA GLN B 80 26.89 -33.60 -12.76
C GLN B 80 26.31 -33.34 -14.15
N GLU B 81 26.24 -34.37 -14.98
CA GLU B 81 25.74 -34.23 -16.35
C GLU B 81 24.23 -34.04 -16.50
N TRP B 82 23.60 -33.39 -15.52
CA TRP B 82 22.18 -33.13 -15.56
C TRP B 82 21.95 -31.69 -16.01
N LYS B 83 22.65 -31.32 -17.08
CA LYS B 83 22.56 -29.98 -17.63
C LYS B 83 21.50 -29.96 -18.72
N ASP B 84 21.11 -31.15 -19.18
CA ASP B 84 20.11 -31.27 -20.24
C ASP B 84 18.75 -30.78 -19.75
N TYR B 85 18.42 -31.14 -18.51
CA TYR B 85 17.15 -30.77 -17.91
C TYR B 85 17.09 -29.30 -17.51
N LEU B 86 18.17 -28.57 -17.78
CA LEU B 86 18.21 -27.15 -17.45
C LEU B 86 17.23 -26.34 -18.31
N GLY B 87 16.48 -25.44 -17.66
CA GLY B 87 15.54 -24.61 -18.40
C GLY B 87 14.09 -25.02 -18.31
N MET B 88 13.82 -26.22 -17.80
CA MET B 88 12.43 -26.66 -17.68
C MET B 88 11.96 -26.58 -16.23
N PRO B 89 10.65 -26.76 -16.00
CA PRO B 89 10.11 -26.69 -14.64
C PRO B 89 10.75 -27.75 -13.74
N ILE B 90 11.02 -27.38 -12.49
CA ILE B 90 11.62 -28.30 -11.54
C ILE B 90 10.62 -29.42 -11.27
N SER B 91 9.36 -29.18 -11.63
CA SER B 91 8.30 -30.16 -11.44
C SER B 91 8.24 -31.14 -12.62
N GLU B 92 8.86 -30.76 -13.74
CA GLU B 92 8.88 -31.63 -14.91
C GLU B 92 10.13 -32.50 -14.83
N VAL B 93 11.27 -31.86 -14.57
CA VAL B 93 12.55 -32.56 -14.46
C VAL B 93 12.49 -33.84 -13.63
N PRO B 94 13.33 -34.83 -13.96
CA PRO B 94 13.39 -36.11 -13.25
C PRO B 94 14.21 -36.07 -11.96
N ASP B 95 13.84 -36.93 -11.02
CA ASP B 95 14.53 -37.02 -9.74
C ASP B 95 15.82 -37.81 -9.96
N PRO B 96 16.99 -37.20 -9.71
CA PRO B 96 18.30 -37.83 -9.89
C PRO B 96 18.53 -39.09 -9.06
N TRP B 97 17.47 -39.58 -8.42
CA TRP B 97 17.58 -40.78 -7.58
C TRP B 97 16.45 -41.78 -7.81
N GLY B 98 15.40 -41.35 -8.50
CA GLY B 98 14.29 -42.24 -8.79
C GLY B 98 13.23 -42.32 -7.71
N CYS B 99 13.64 -42.13 -6.47
CA CYS B 99 12.73 -42.18 -5.34
C CYS B 99 11.36 -41.54 -5.64
N HIS B 100 11.38 -40.41 -6.35
CA HIS B 100 10.15 -39.72 -6.70
C HIS B 100 10.10 -39.30 -8.17
N GLU B 101 8.91 -38.91 -8.62
CA GLU B 101 8.66 -38.47 -9.97
C GLU B 101 9.59 -37.35 -10.45
N SER B 102 9.37 -36.15 -9.93
CA SER B 102 10.18 -34.99 -10.31
C SER B 102 11.26 -34.61 -9.31
N TYR B 103 12.25 -33.86 -9.80
CA TYR B 103 13.38 -33.37 -9.00
C TYR B 103 12.86 -32.54 -7.83
N ALA B 104 11.75 -31.84 -8.07
CA ALA B 104 11.13 -31.01 -7.05
C ALA B 104 10.42 -31.87 -6.01
N GLU B 105 9.67 -32.86 -6.48
CA GLU B 105 8.94 -33.74 -5.58
C GLU B 105 9.89 -34.43 -4.60
N HIS B 106 11.12 -34.69 -5.04
CA HIS B 106 12.12 -35.34 -4.20
C HIS B 106 12.33 -34.55 -2.91
N PHE B 107 12.90 -33.36 -3.07
CA PHE B 107 13.17 -32.50 -1.93
C PHE B 107 11.93 -32.04 -1.17
N MET B 108 10.82 -31.83 -1.88
CA MET B 108 9.59 -31.38 -1.22
C MET B 108 9.12 -32.42 -0.20
N ARG B 109 9.18 -33.69 -0.57
CA ARG B 109 8.75 -34.78 0.31
C ARG B 109 9.61 -34.99 1.55
N LYS B 110 10.91 -34.68 1.48
CA LYS B 110 11.76 -34.84 2.65
C LYS B 110 11.41 -33.77 3.68
N PHE B 111 11.26 -32.53 3.22
CA PHE B 111 10.92 -31.39 4.07
C PHE B 111 9.54 -31.55 4.68
N GLU B 112 8.57 -31.92 3.86
CA GLU B 112 7.19 -32.11 4.32
C GLU B 112 7.17 -33.14 5.45
N GLU B 113 7.93 -34.22 5.26
CA GLU B 113 8.01 -35.27 6.26
C GLU B 113 8.63 -34.66 7.51
N GLU B 114 9.79 -34.04 7.33
CA GLU B 114 10.52 -33.39 8.42
C GLU B 114 9.63 -32.46 9.26
N VAL B 115 8.71 -31.77 8.59
CA VAL B 115 7.82 -30.83 9.26
C VAL B 115 6.71 -31.56 10.00
N GLU B 116 6.32 -32.72 9.48
CA GLU B 116 5.25 -33.52 10.09
C GLU B 116 5.64 -33.94 11.51
N LYS B 117 6.93 -34.23 11.72
CA LYS B 117 7.45 -34.64 13.03
C LYS B 117 7.29 -33.52 14.07
N LEU B 118 7.29 -32.28 13.60
CA LEU B 118 7.12 -31.12 14.48
C LEU B 118 5.67 -30.92 14.89
N GLY B 119 4.75 -31.46 14.09
CA GLY B 119 3.34 -31.32 14.39
C GLY B 119 2.76 -29.99 13.97
N ILE B 120 3.37 -29.40 12.93
CA ILE B 120 2.94 -28.11 12.39
C ILE B 120 1.93 -28.36 11.28
N GLU B 121 0.72 -27.80 11.41
CA GLU B 121 -0.31 -27.98 10.38
C GLU B 121 -0.40 -26.76 9.45
N VAL B 122 -0.16 -27.00 8.17
CA VAL B 122 -0.20 -25.95 7.17
C VAL B 122 -0.66 -26.44 5.79
N ASP B 123 -1.68 -25.78 5.23
CA ASP B 123 -2.21 -26.16 3.92
C ASP B 123 -1.18 -25.94 2.82
N LEU B 124 -0.74 -27.03 2.20
CA LEU B 124 0.24 -26.98 1.13
C LEU B 124 -0.39 -26.67 -0.23
N LEU B 125 0.41 -26.09 -1.12
CA LEU B 125 -0.02 -25.73 -2.47
C LEU B 125 1.22 -25.81 -3.35
N TYR B 126 1.05 -26.15 -4.63
CA TYR B 126 2.19 -26.25 -5.53
C TYR B 126 2.05 -25.34 -6.75
N ALA B 127 3.18 -24.81 -7.23
CA ALA B 127 3.16 -23.92 -8.38
C ALA B 127 3.16 -24.75 -9.67
N SER B 128 3.15 -26.06 -9.52
CA SER B 128 3.11 -26.97 -10.65
C SER B 128 1.63 -27.03 -10.98
N GLU B 129 0.81 -27.02 -9.93
CA GLU B 129 -0.64 -27.03 -10.08
C GLU B 129 -1.08 -25.58 -10.07
N LEU B 130 -2.39 -25.35 -10.00
CA LEU B 130 -2.93 -23.99 -9.98
C LEU B 130 -2.62 -23.27 -11.30
N TYR B 131 -1.43 -23.52 -11.85
CA TYR B 131 -1.01 -22.92 -13.12
C TYR B 131 -1.48 -23.81 -14.28
N LYS B 132 -1.12 -25.10 -14.21
CA LYS B 132 -1.51 -26.06 -15.24
C LYS B 132 -3.03 -26.06 -15.32
N ARG B 133 -3.69 -25.80 -14.18
CA ARG B 133 -5.15 -25.74 -14.14
C ARG B 133 -5.62 -24.36 -14.56
N GLY B 134 -4.83 -23.33 -14.25
CA GLY B 134 -5.19 -21.97 -14.62
C GLY B 134 -6.12 -21.21 -13.69
N GLU B 135 -5.69 -21.01 -12.44
CA GLU B 135 -6.49 -20.28 -11.45
C GLU B 135 -5.97 -18.85 -11.35
N TYR B 136 -4.82 -18.61 -11.98
CA TYR B 136 -4.17 -17.30 -12.00
C TYR B 136 -4.46 -16.56 -13.31
N SER B 137 -5.25 -17.20 -14.18
CA SER B 137 -5.61 -16.67 -15.48
C SER B 137 -6.00 -15.19 -15.57
N GLU B 138 -7.17 -14.86 -15.00
CA GLU B 138 -7.68 -13.49 -15.03
C GLU B 138 -6.76 -12.44 -14.43
N GLU B 139 -5.50 -12.80 -14.25
CA GLU B 139 -4.52 -11.89 -13.69
C GLU B 139 -3.21 -11.96 -14.46
N ILE B 140 -2.88 -13.12 -15.02
CA ILE B 140 -1.65 -13.21 -15.80
C ILE B 140 -1.87 -12.22 -16.94
N ARG B 141 -3.12 -12.16 -17.42
CA ARG B 141 -3.51 -11.25 -18.49
C ARG B 141 -3.53 -9.82 -17.97
N LEU B 142 -3.91 -9.66 -16.70
CA LEU B 142 -3.95 -8.33 -16.10
C LEU B 142 -2.51 -7.81 -16.01
N ALA B 143 -1.55 -8.72 -15.86
CA ALA B 143 -0.15 -8.33 -15.77
C ALA B 143 0.39 -7.87 -17.11
N PHE B 144 -0.32 -8.21 -18.18
CA PHE B 144 0.10 -7.82 -19.53
C PHE B 144 -0.45 -6.46 -19.95
N GLU B 145 -1.68 -6.16 -19.52
CA GLU B 145 -2.34 -4.88 -19.85
C GLU B 145 -1.76 -3.69 -19.11
N LYS B 146 -1.30 -3.93 -17.89
CA LYS B 146 -0.72 -2.84 -17.11
C LYS B 146 0.79 -3.08 -17.04
N ARG B 147 1.28 -3.83 -18.02
CA ARG B 147 2.70 -4.15 -18.14
C ARG B 147 3.53 -2.89 -18.09
N ASP B 148 2.94 -1.79 -18.55
CA ASP B 148 3.63 -0.50 -18.57
C ASP B 148 3.98 -0.04 -17.15
N LYS B 149 2.99 0.01 -16.26
CA LYS B 149 3.22 0.44 -14.89
C LYS B 149 4.26 -0.46 -14.23
N ILE B 150 4.05 -1.76 -14.32
CA ILE B 150 4.96 -2.75 -13.73
C ILE B 150 6.39 -2.49 -14.19
N MET B 151 6.55 -1.88 -15.35
CA MET B 151 7.88 -1.58 -15.88
C MET B 151 8.49 -0.32 -15.29
N GLU B 152 7.67 0.67 -14.96
CA GLU B 152 8.18 1.90 -14.39
C GLU B 152 8.55 1.65 -12.93
N ILE B 153 7.95 0.61 -12.36
CA ILE B 153 8.20 0.23 -10.99
C ILE B 153 9.52 -0.52 -10.85
N LEU B 154 9.80 -1.43 -11.77
CA LEU B 154 11.05 -2.20 -11.72
C LEU B 154 12.29 -1.43 -12.17
N ASN B 155 12.10 -0.49 -13.08
CA ASN B 155 13.22 0.31 -13.58
C ASN B 155 13.65 1.26 -12.49
N LYS B 156 12.67 1.86 -11.83
CA LYS B 156 12.94 2.80 -10.75
C LYS B 156 13.94 2.19 -9.77
N TYR B 157 13.74 0.91 -9.46
CA TYR B 157 14.61 0.20 -8.55
C TYR B 157 15.85 -0.30 -9.24
N ARG B 158 15.78 -0.41 -10.56
CA ARG B 158 16.95 -0.83 -11.30
C ARG B 158 17.94 0.31 -11.23
N GLU B 159 17.43 1.53 -11.36
CA GLU B 159 18.28 2.72 -11.28
C GLU B 159 18.82 2.91 -9.87
N ILE B 160 17.95 2.76 -8.87
CA ILE B 160 18.37 2.91 -7.49
C ILE B 160 19.46 1.87 -7.19
N ALA B 161 19.31 0.69 -7.78
CA ALA B 161 20.31 -0.36 -7.59
C ALA B 161 21.41 -0.23 -8.65
N LYS B 162 21.41 0.90 -9.34
CA LYS B 162 22.37 1.20 -10.39
C LYS B 162 22.60 0.04 -11.35
N GLN B 163 21.52 -0.54 -11.86
CA GLN B 163 21.58 -1.66 -12.80
C GLN B 163 20.88 -1.30 -14.11
N PRO B 164 21.38 -1.84 -15.25
CA PRO B 164 20.79 -1.58 -16.57
C PRO B 164 19.29 -1.76 -16.64
N PRO B 165 18.57 -0.74 -17.12
CA PRO B 165 17.10 -0.79 -17.24
C PRO B 165 16.57 -1.92 -18.12
N LEU B 166 15.27 -2.18 -17.99
CA LEU B 166 14.60 -3.25 -18.73
C LEU B 166 14.54 -2.98 -20.23
N PRO B 167 14.64 -4.04 -21.05
CA PRO B 167 14.60 -3.95 -22.52
C PRO B 167 13.25 -3.38 -22.99
N GLU B 168 13.27 -2.63 -24.09
CA GLU B 168 12.05 -2.04 -24.65
C GLU B 168 10.90 -3.05 -24.69
N ASN B 169 11.19 -4.21 -25.27
CA ASN B 169 10.20 -5.29 -25.37
C ASN B 169 10.34 -6.20 -24.17
N TRP B 170 9.66 -5.88 -23.08
CA TRP B 170 9.72 -6.67 -21.85
C TRP B 170 8.31 -7.07 -21.44
N TRP B 171 8.13 -8.35 -21.12
CA TRP B 171 6.83 -8.85 -20.69
C TRP B 171 6.99 -9.53 -19.34
N PRO B 172 6.09 -9.24 -18.39
CA PRO B 172 6.10 -9.79 -17.03
C PRO B 172 5.89 -11.30 -16.90
N ALA B 173 6.38 -12.08 -17.86
CA ALA B 173 6.20 -13.52 -17.79
C ALA B 173 7.11 -14.27 -18.76
N MET B 174 6.94 -15.58 -18.78
CA MET B 174 7.70 -16.45 -19.67
C MET B 174 6.81 -17.55 -20.19
N VAL B 175 7.39 -18.49 -20.95
CA VAL B 175 6.64 -19.60 -21.51
C VAL B 175 7.41 -20.90 -21.46
N TYR B 176 6.67 -22.00 -21.58
CA TYR B 176 7.25 -23.33 -21.58
C TYR B 176 6.70 -24.02 -22.84
N CYS B 177 7.54 -24.10 -23.88
CA CYS B 177 7.16 -24.70 -25.16
C CYS B 177 6.49 -26.06 -24.98
N PRO B 178 5.24 -26.20 -25.45
CA PRO B 178 4.44 -27.43 -25.36
C PRO B 178 5.17 -28.73 -25.69
N GLU B 179 5.81 -28.78 -26.84
CA GLU B 179 6.52 -30.00 -27.26
C GLU B 179 8.02 -29.96 -26.98
N HIS B 180 8.40 -29.48 -25.79
CA HIS B 180 9.81 -29.40 -25.44
C HIS B 180 10.04 -28.79 -24.06
N ARG B 181 9.03 -28.14 -23.51
CA ARG B 181 9.13 -27.50 -22.20
C ARG B 181 10.18 -26.38 -22.32
N ARG B 182 11.16 -26.36 -21.42
CA ARG B 182 12.20 -25.33 -21.47
C ARG B 182 11.55 -23.94 -21.46
N GLU B 183 12.30 -22.92 -21.04
CA GLU B 183 11.71 -21.58 -21.02
C GLU B 183 12.12 -20.79 -22.26
N ALA B 184 11.28 -19.82 -22.63
CA ALA B 184 11.55 -18.98 -23.79
C ALA B 184 10.94 -17.60 -23.58
N GLU B 185 11.57 -16.59 -24.16
CA GLU B 185 11.12 -15.22 -24.03
C GLU B 185 9.87 -14.97 -24.87
N ILE B 186 9.07 -14.00 -24.45
CA ILE B 186 7.87 -13.64 -25.20
C ILE B 186 8.24 -12.42 -26.05
N ILE B 187 8.13 -12.57 -27.37
CA ILE B 187 8.45 -11.48 -28.28
C ILE B 187 7.29 -10.49 -28.36
N GLU B 188 6.06 -10.99 -28.22
CA GLU B 188 4.89 -10.13 -28.25
C GLU B 188 3.64 -10.73 -27.64
N TRP B 189 2.64 -9.89 -27.45
CA TRP B 189 1.35 -10.29 -26.86
C TRP B 189 0.21 -9.65 -27.64
N ASP B 190 -0.83 -10.42 -27.89
CA ASP B 190 -1.99 -9.91 -28.62
C ASP B 190 -2.87 -9.08 -27.68
N GLY B 191 -4.11 -8.85 -28.08
CA GLY B 191 -5.00 -8.06 -27.24
C GLY B 191 -5.25 -8.71 -25.90
N GLY B 192 -5.35 -10.05 -25.89
CA GLY B 192 -5.58 -10.79 -24.67
C GLY B 192 -5.66 -12.30 -24.89
N TRP B 193 -5.06 -13.05 -23.96
CA TRP B 193 -5.05 -14.52 -23.99
C TRP B 193 -3.95 -15.19 -24.83
N LYS B 194 -3.53 -14.56 -25.91
CA LYS B 194 -2.49 -15.17 -26.75
C LYS B 194 -1.15 -14.46 -26.61
N VAL B 195 -0.08 -15.24 -26.45
CA VAL B 195 1.25 -14.68 -26.35
C VAL B 195 2.18 -15.48 -27.26
N LYS B 196 3.09 -14.79 -27.93
CA LYS B 196 4.03 -15.44 -28.83
C LYS B 196 5.38 -15.53 -28.15
N TYR B 197 6.24 -16.41 -28.64
CA TYR B 197 7.56 -16.60 -28.06
C TYR B 197 8.59 -17.02 -29.10
N LYS B 198 9.84 -17.17 -28.66
CA LYS B 198 10.91 -17.57 -29.56
C LYS B 198 12.14 -18.02 -28.76
N CYS B 199 12.92 -18.91 -29.35
CA CYS B 199 14.12 -19.43 -28.72
C CYS B 199 15.25 -19.42 -29.75
N PRO B 200 16.51 -19.23 -29.31
CA PRO B 200 17.66 -19.21 -30.22
C PRO B 200 17.71 -20.44 -31.15
N GLU B 201 16.98 -20.34 -32.25
CA GLU B 201 16.90 -21.41 -33.24
C GLU B 201 16.09 -20.94 -34.45
N GLY B 202 15.39 -19.82 -34.29
CA GLY B 202 14.59 -19.28 -35.39
C GLY B 202 13.19 -19.85 -35.38
N HIS B 203 12.82 -20.45 -34.24
CA HIS B 203 11.51 -21.04 -34.04
C HIS B 203 10.66 -20.13 -33.15
N GLU B 204 9.39 -19.98 -33.50
CA GLU B 204 8.47 -19.14 -32.74
C GLU B 204 7.18 -19.91 -32.43
N GLY B 205 6.03 -19.26 -32.60
CA GLY B 205 4.77 -19.92 -32.32
C GLY B 205 3.98 -19.24 -31.22
N TRP B 206 2.70 -19.55 -31.11
CA TRP B 206 1.87 -18.94 -30.08
C TRP B 206 1.43 -19.94 -29.01
N VAL B 207 0.86 -19.41 -27.93
CA VAL B 207 0.37 -20.20 -26.81
C VAL B 207 -0.63 -19.40 -25.98
N ASP B 208 -1.64 -20.08 -25.47
CA ASP B 208 -2.66 -19.43 -24.64
C ASP B 208 -2.19 -19.35 -23.19
N ILE B 209 -2.60 -18.31 -22.50
CA ILE B 209 -2.21 -18.11 -21.10
C ILE B 209 -3.01 -19.00 -20.13
N ARG B 210 -4.25 -19.30 -20.50
CA ARG B 210 -5.09 -20.14 -19.66
C ARG B 210 -4.59 -21.58 -19.70
N SER B 211 -3.66 -21.85 -20.62
CA SER B 211 -3.10 -23.20 -20.75
C SER B 211 -2.28 -23.57 -19.52
N GLY B 212 -1.31 -22.73 -19.20
CA GLY B 212 -0.46 -22.99 -18.06
C GLY B 212 0.98 -23.09 -18.51
N ASN B 213 1.27 -22.64 -19.72
CA ASN B 213 2.62 -22.66 -20.26
C ASN B 213 3.20 -21.26 -20.27
N VAL B 214 2.59 -20.39 -19.47
CA VAL B 214 3.03 -19.01 -19.31
C VAL B 214 3.12 -18.72 -17.82
N LYS B 215 4.34 -18.47 -17.35
CA LYS B 215 4.59 -18.20 -15.94
C LYS B 215 5.06 -16.77 -15.69
N LEU B 216 4.38 -16.07 -14.78
CA LEU B 216 4.77 -14.71 -14.43
C LEU B 216 6.20 -14.74 -13.88
N ARG B 217 6.92 -13.62 -14.00
CA ARG B 217 8.27 -13.53 -13.48
C ARG B 217 7.99 -13.45 -11.99
N TRP B 218 8.79 -14.15 -11.18
CA TRP B 218 8.55 -14.17 -9.74
C TRP B 218 8.36 -12.80 -9.07
N ARG B 219 8.95 -11.75 -9.64
CA ARG B 219 8.79 -10.42 -9.07
C ARG B 219 7.36 -9.91 -9.21
N VAL B 220 6.58 -10.55 -10.07
CA VAL B 220 5.17 -10.19 -10.27
C VAL B 220 4.36 -11.38 -9.80
N ASP B 221 4.96 -12.56 -9.95
CA ASP B 221 4.32 -13.79 -9.52
C ASP B 221 4.02 -13.75 -8.03
N TRP B 222 4.86 -13.04 -7.28
CA TRP B 222 4.68 -12.92 -5.83
C TRP B 222 3.54 -11.96 -5.44
N PRO B 223 3.52 -10.75 -6.01
CA PRO B 223 2.46 -9.80 -5.68
C PRO B 223 1.07 -10.30 -6.05
N MET B 224 0.99 -11.09 -7.11
CA MET B 224 -0.31 -11.59 -7.54
C MET B 224 -0.96 -12.47 -6.47
N ARG B 225 -0.31 -13.57 -6.08
CA ARG B 225 -0.89 -14.45 -5.07
C ARG B 225 -1.22 -13.63 -3.83
N TRP B 226 -0.38 -12.65 -3.52
CA TRP B 226 -0.64 -11.80 -2.38
C TRP B 226 -2.07 -11.32 -2.45
N SER B 227 -2.47 -10.85 -3.65
CA SER B 227 -3.82 -10.36 -3.87
C SER B 227 -4.81 -11.53 -4.01
N HIS B 228 -4.43 -12.51 -4.82
CA HIS B 228 -5.24 -13.71 -5.07
C HIS B 228 -5.72 -14.31 -3.75
N PHE B 229 -4.83 -15.03 -3.07
CA PHE B 229 -5.15 -15.66 -1.80
C PHE B 229 -5.44 -14.59 -0.74
N GLY B 230 -4.98 -13.37 -1.00
CA GLY B 230 -5.21 -12.27 -0.07
C GLY B 230 -4.49 -12.43 1.26
N VAL B 231 -3.19 -12.69 1.19
CA VAL B 231 -2.36 -12.88 2.38
C VAL B 231 -2.11 -11.62 3.21
N ASP B 232 -2.19 -11.76 4.55
CA ASP B 232 -1.99 -10.63 5.47
C ASP B 232 -0.57 -10.49 5.97
N PHE B 233 0.02 -11.61 6.39
CA PHE B 233 1.38 -11.61 6.90
C PHE B 233 2.25 -12.65 6.21
N GLU B 234 3.47 -12.26 5.85
CA GLU B 234 4.39 -13.18 5.21
C GLU B 234 5.84 -12.81 5.54
N PRO B 235 6.54 -13.69 6.25
CA PRO B 235 7.94 -13.43 6.62
C PRO B 235 8.77 -13.58 5.35
N ALA B 236 9.98 -13.00 5.34
CA ALA B 236 10.85 -13.12 4.18
C ALA B 236 12.32 -12.99 4.57
N GLY B 237 13.19 -13.50 3.72
CA GLY B 237 14.61 -13.44 4.01
C GLY B 237 15.20 -12.09 3.69
N LYS B 238 16.41 -11.86 4.15
CA LYS B 238 17.10 -10.59 3.92
C LYS B 238 17.14 -10.21 2.44
N ASP B 239 17.37 -11.20 1.56
CA ASP B 239 17.46 -10.95 0.13
C ASP B 239 16.26 -10.22 -0.46
N HIS B 240 15.07 -10.73 -0.15
CA HIS B 240 13.83 -10.17 -0.67
C HIS B 240 13.24 -9.05 0.15
N LEU B 241 13.73 -8.84 1.36
CA LEU B 241 13.13 -7.83 2.20
C LEU B 241 13.93 -6.56 2.40
N VAL B 242 15.22 -6.61 2.08
CA VAL B 242 16.09 -5.45 2.21
C VAL B 242 15.59 -4.30 1.32
N ALA B 243 15.89 -3.06 1.72
CA ALA B 243 15.45 -1.89 0.97
C ALA B 243 15.75 -1.87 -0.53
N GLY B 244 14.70 -1.70 -1.32
CA GLY B 244 14.84 -1.63 -2.77
C GLY B 244 14.72 -2.94 -3.50
N SER B 245 14.60 -4.03 -2.75
CA SER B 245 14.51 -5.35 -3.35
C SER B 245 13.10 -5.81 -3.78
N SER B 246 12.86 -7.12 -3.70
CA SER B 246 11.60 -7.77 -4.11
C SER B 246 10.32 -7.42 -3.37
N TYR B 247 10.42 -7.25 -2.06
CA TYR B 247 9.23 -6.95 -1.28
C TYR B 247 8.71 -5.57 -1.65
N ASP B 248 9.62 -4.64 -1.88
CA ASP B 248 9.22 -3.29 -2.23
C ASP B 248 8.55 -3.25 -3.61
N THR B 249 9.13 -3.93 -4.60
CA THR B 249 8.53 -3.93 -5.94
C THR B 249 7.15 -4.55 -5.86
N GLY B 250 7.02 -5.65 -5.10
CA GLY B 250 5.73 -6.28 -4.98
C GLY B 250 4.75 -5.41 -4.21
N LYS B 251 5.28 -4.60 -3.29
CA LYS B 251 4.46 -3.72 -2.48
C LYS B 251 3.75 -2.73 -3.41
N GLU B 252 4.51 -2.09 -4.28
CA GLU B 252 3.96 -1.14 -5.22
C GLU B 252 3.13 -1.85 -6.29
N ILE B 253 3.71 -2.90 -6.88
CA ILE B 253 3.04 -3.68 -7.91
C ILE B 253 1.65 -4.18 -7.52
N ILE B 254 1.46 -4.58 -6.28
CA ILE B 254 0.16 -5.09 -5.86
C ILE B 254 -0.87 -3.99 -5.76
N LYS B 255 -0.43 -2.83 -5.28
CA LYS B 255 -1.31 -1.68 -5.13
C LYS B 255 -1.69 -1.11 -6.50
N GLU B 256 -0.73 -0.48 -7.17
CA GLU B 256 -0.96 0.11 -8.47
C GLU B 256 -1.65 -0.82 -9.47
N VAL B 257 -1.41 -2.12 -9.36
CA VAL B 257 -2.03 -3.07 -10.29
C VAL B 257 -3.24 -3.82 -9.71
N TYR B 258 -3.01 -4.94 -9.03
CA TYR B 258 -4.12 -5.72 -8.46
C TYR B 258 -4.92 -4.96 -7.41
N GLY B 259 -4.67 -3.66 -7.30
CA GLY B 259 -5.39 -2.83 -6.36
C GLY B 259 -5.57 -3.44 -4.98
N LYS B 260 -4.54 -4.11 -4.47
CA LYS B 260 -4.58 -4.74 -3.15
C LYS B 260 -3.38 -4.23 -2.36
N GLU B 261 -3.48 -4.27 -1.03
CA GLU B 261 -2.39 -3.81 -0.20
C GLU B 261 -1.39 -4.93 0.05
N ALA B 262 -0.17 -4.55 0.42
CA ALA B 262 0.85 -5.55 0.67
C ALA B 262 0.73 -6.09 2.07
N PRO B 263 0.94 -7.40 2.23
CA PRO B 263 0.85 -8.02 3.55
C PRO B 263 2.02 -7.57 4.42
N LEU B 264 1.81 -7.52 5.74
CA LEU B 264 2.88 -7.13 6.66
C LEU B 264 3.97 -8.18 6.49
N SER B 265 5.23 -7.82 6.73
CA SER B 265 6.30 -8.78 6.57
C SER B 265 7.26 -8.73 7.74
N LEU B 266 8.19 -9.68 7.79
CA LEU B 266 9.15 -9.75 8.89
C LEU B 266 10.43 -10.45 8.43
N MET B 267 11.57 -9.84 8.72
CA MET B 267 12.85 -10.41 8.33
C MET B 267 13.35 -11.39 9.38
N TYR B 268 13.73 -12.60 8.98
CA TYR B 268 14.27 -13.56 9.94
C TYR B 268 15.69 -13.86 9.53
N GLU B 269 16.57 -13.93 10.52
CA GLU B 269 17.99 -14.16 10.30
C GLU B 269 18.40 -15.61 10.03
N PHE B 270 19.71 -15.76 9.88
CA PHE B 270 20.39 -17.04 9.62
C PHE B 270 20.12 -18.06 10.71
N VAL B 271 20.14 -19.34 10.34
CA VAL B 271 19.93 -20.44 11.27
C VAL B 271 21.02 -21.49 11.09
N GLY B 272 21.84 -21.70 12.12
CA GLY B 272 22.91 -22.68 12.02
C GLY B 272 23.36 -23.34 13.31
N ILE B 273 24.47 -24.06 13.23
CA ILE B 273 25.04 -24.77 14.36
C ILE B 273 26.30 -24.05 14.85
N LYS B 274 26.43 -23.90 16.17
CA LYS B 274 27.60 -23.21 16.71
C LYS B 274 28.85 -23.93 16.24
N GLY B 275 29.91 -23.15 16.02
CA GLY B 275 31.17 -23.72 15.55
C GLY B 275 31.24 -23.74 14.03
N GLN B 276 30.49 -22.84 13.39
CA GLN B 276 30.47 -22.76 11.93
C GLN B 276 30.40 -21.32 11.44
N ASN B 286 28.53 -26.46 4.36
CA ASN B 286 27.58 -26.70 5.48
C ASN B 286 26.14 -26.42 5.06
N VAL B 287 25.26 -27.41 5.25
CA VAL B 287 23.84 -27.28 4.90
C VAL B 287 23.00 -28.13 5.84
N ILE B 288 22.47 -27.50 6.89
CA ILE B 288 21.67 -28.21 7.89
C ILE B 288 20.18 -28.32 7.60
N LEU B 289 19.66 -29.52 7.77
CA LEU B 289 18.25 -29.81 7.56
C LEU B 289 17.62 -30.18 8.90
N LEU B 290 16.30 -30.28 8.94
CA LEU B 290 15.62 -30.62 10.18
C LEU B 290 15.98 -32.05 10.58
N SER B 291 16.18 -32.91 9.59
CA SER B 291 16.56 -34.30 9.83
C SER B 291 17.85 -34.34 10.64
N ASP B 292 18.77 -33.42 10.35
CA ASP B 292 20.04 -33.34 11.06
C ASP B 292 19.81 -33.09 12.55
N LEU B 293 19.12 -32.00 12.87
CA LEU B 293 18.85 -31.66 14.26
C LEU B 293 18.13 -32.77 15.01
N TYR B 294 17.22 -33.47 14.32
CA TYR B 294 16.44 -34.56 14.91
C TYR B 294 17.31 -35.71 15.43
N GLU B 295 18.53 -35.79 14.94
CA GLU B 295 19.46 -36.82 15.38
C GLU B 295 19.80 -36.60 16.84
N VAL B 296 19.60 -35.37 17.30
CA VAL B 296 19.97 -35.05 18.66
C VAL B 296 18.98 -34.18 19.45
N LEU B 297 18.05 -33.52 18.77
CA LEU B 297 17.11 -32.65 19.46
C LEU B 297 15.68 -33.15 19.35
N GLU B 298 14.96 -33.13 20.47
CA GLU B 298 13.56 -33.53 20.48
C GLU B 298 12.80 -32.54 19.60
N PRO B 299 11.82 -33.02 18.84
CA PRO B 299 11.10 -32.05 18.00
C PRO B 299 10.54 -30.92 18.88
N GLY B 300 10.02 -31.27 20.04
CA GLY B 300 9.48 -30.25 20.93
C GLY B 300 10.50 -29.15 21.22
N LEU B 301 11.76 -29.54 21.34
CA LEU B 301 12.84 -28.61 21.63
C LEU B 301 13.21 -27.73 20.43
N VAL B 302 13.09 -28.26 19.23
CA VAL B 302 13.39 -27.49 18.03
C VAL B 302 12.40 -26.33 17.94
N ARG B 303 11.13 -26.63 18.21
CA ARG B 303 10.08 -25.62 18.16
C ARG B 303 10.37 -24.52 19.17
N PHE B 304 10.83 -24.93 20.34
CA PHE B 304 11.15 -24.02 21.42
C PHE B 304 12.31 -23.09 21.07
N ILE B 305 13.34 -23.65 20.45
CA ILE B 305 14.52 -22.88 20.07
C ILE B 305 14.12 -21.80 19.10
N TYR B 306 13.25 -22.15 18.15
CA TYR B 306 12.77 -21.19 17.18
C TYR B 306 11.84 -20.15 17.80
N ALA B 307 11.10 -20.53 18.83
CA ALA B 307 10.16 -19.60 19.47
C ALA B 307 10.81 -18.62 20.46
N ARG B 308 11.89 -19.03 21.11
CA ARG B 308 12.53 -18.18 22.10
C ARG B 308 13.44 -17.09 21.51
N HIS B 309 13.89 -17.28 20.26
CA HIS B 309 14.74 -16.30 19.61
C HIS B 309 13.90 -15.30 18.83
N ARG B 310 14.38 -14.07 18.72
CA ARG B 310 13.69 -13.02 17.96
C ARG B 310 14.00 -13.27 16.48
N PRO B 311 13.03 -13.03 15.58
CA PRO B 311 13.23 -13.24 14.13
C PRO B 311 14.48 -12.59 13.57
N ASN B 312 14.76 -11.39 14.05
CA ASN B 312 15.91 -10.61 13.61
C ASN B 312 17.20 -10.99 14.33
N LYS B 313 17.20 -12.16 14.96
CA LYS B 313 18.37 -12.62 15.70
C LYS B 313 18.79 -13.99 15.17
N GLU B 314 20.07 -14.15 14.84
CA GLU B 314 20.57 -15.43 14.35
C GLU B 314 20.44 -16.54 15.40
N ILE B 315 20.15 -17.75 14.94
CA ILE B 315 20.03 -18.89 15.82
C ILE B 315 21.27 -19.78 15.61
N LYS B 316 22.22 -19.70 16.54
CA LYS B 316 23.43 -20.52 16.46
C LYS B 316 23.28 -21.62 17.50
N ILE B 317 22.69 -22.74 17.08
CA ILE B 317 22.46 -23.86 17.97
C ILE B 317 23.72 -24.59 18.34
N ASP B 318 24.01 -24.63 19.64
CA ASP B 318 25.19 -25.30 20.16
C ASP B 318 24.84 -26.79 20.35
N LEU B 319 25.14 -27.62 19.35
CA LEU B 319 24.86 -29.05 19.44
C LEU B 319 25.99 -29.77 20.13
N GLY B 320 26.88 -29.03 20.79
CA GLY B 320 27.99 -29.65 21.49
C GLY B 320 27.70 -29.77 22.97
N LEU B 321 28.66 -29.36 23.79
CA LEU B 321 28.51 -29.44 25.23
C LEU B 321 27.38 -28.52 25.74
N GLY B 322 27.01 -27.52 24.95
CA GLY B 322 25.96 -26.62 25.38
C GLY B 322 24.57 -27.21 25.23
N ILE B 323 24.49 -28.43 24.72
CA ILE B 323 23.20 -29.05 24.54
C ILE B 323 22.66 -29.49 25.88
N LEU B 324 23.57 -29.70 26.83
CA LEU B 324 23.18 -30.15 28.15
C LEU B 324 22.31 -29.12 28.85
N ASN B 325 22.68 -27.85 28.75
CA ASN B 325 21.88 -26.80 29.38
C ASN B 325 20.63 -26.51 28.56
N LEU B 326 20.73 -26.73 27.26
CA LEU B 326 19.58 -26.50 26.38
C LEU B 326 18.48 -27.46 26.85
N TYR B 327 18.85 -28.70 27.09
CA TYR B 327 17.86 -29.66 27.51
C TYR B 327 17.36 -29.34 28.91
N ASP B 328 18.25 -28.91 29.79
CA ASP B 328 17.84 -28.58 31.14
C ASP B 328 16.86 -27.40 31.22
N GLU B 329 17.09 -26.34 30.45
CA GLU B 329 16.19 -25.19 30.49
C GLU B 329 14.83 -25.57 29.90
N PHE B 330 14.86 -26.38 28.85
CA PHE B 330 13.65 -26.81 28.19
C PHE B 330 12.82 -27.57 29.19
N GLU B 331 13.47 -28.41 29.99
CA GLU B 331 12.76 -29.19 30.99
C GLU B 331 12.23 -28.30 32.11
N LYS B 332 13.06 -27.35 32.55
CA LYS B 332 12.65 -26.43 33.59
C LYS B 332 11.39 -25.67 33.16
N VAL B 333 11.37 -25.20 31.92
CA VAL B 333 10.23 -24.46 31.41
C VAL B 333 9.00 -25.33 31.38
N GLU B 334 9.18 -26.60 31.05
CA GLU B 334 8.04 -27.50 30.98
C GLU B 334 7.40 -27.60 32.37
N ARG B 335 8.23 -27.72 33.41
CA ARG B 335 7.71 -27.83 34.76
C ARG B 335 6.89 -26.59 35.11
N ILE B 336 7.54 -25.44 35.00
CA ILE B 336 6.91 -24.18 35.33
C ILE B 336 5.56 -24.01 34.65
N TYR B 337 5.46 -24.43 33.39
CA TYR B 337 4.20 -24.29 32.69
C TYR B 337 3.11 -25.13 33.34
N PHE B 338 3.45 -26.36 33.73
CA PHE B 338 2.47 -27.22 34.39
C PHE B 338 2.57 -27.01 35.90
N GLY B 339 3.19 -25.89 36.29
CA GLY B 339 3.33 -25.58 37.70
C GLY B 339 3.72 -26.77 38.54
N VAL B 340 5.01 -27.07 38.57
CA VAL B 340 5.55 -28.19 39.33
C VAL B 340 6.83 -27.68 39.96
N GLU B 341 6.92 -26.36 40.07
CA GLU B 341 8.07 -25.67 40.66
C GLU B 341 8.08 -24.20 40.29
N GLY B 342 8.70 -23.40 41.14
CA GLY B 342 8.80 -21.97 40.91
C GLY B 342 10.19 -21.47 41.27
N ASP B 347 8.96 -18.26 34.10
CA ASP B 347 8.57 -17.27 35.16
C ASP B 347 7.30 -16.53 34.76
N GLU B 348 7.17 -16.25 33.46
CA GLU B 348 6.02 -15.53 32.93
C GLU B 348 6.20 -15.30 31.43
N GLU B 349 7.42 -14.93 31.03
CA GLU B 349 7.72 -14.69 29.63
C GLU B 349 8.01 -15.99 28.88
N LEU B 350 8.69 -16.92 29.52
CA LEU B 350 8.99 -18.18 28.87
C LEU B 350 7.75 -19.05 28.78
N ARG B 351 6.84 -18.86 29.73
CA ARG B 351 5.60 -19.62 29.74
C ARG B 351 4.89 -19.47 28.41
N ARG B 352 4.73 -18.21 27.99
CA ARG B 352 4.07 -17.91 26.72
C ARG B 352 4.92 -18.42 25.56
N THR B 353 6.24 -18.37 25.71
CA THR B 353 7.13 -18.86 24.66
C THR B 353 6.84 -20.34 24.48
N TYR B 354 6.69 -21.04 25.59
CA TYR B 354 6.39 -22.48 25.57
C TYR B 354 5.02 -22.74 24.99
N GLU B 355 4.02 -21.94 25.36
CA GLU B 355 2.69 -22.15 24.78
C GLU B 355 2.87 -22.13 23.29
N LEU B 356 3.18 -20.93 22.79
CA LEU B 356 3.38 -20.70 21.37
C LEU B 356 4.14 -21.78 20.61
N SER B 357 5.14 -22.39 21.25
CA SER B 357 5.92 -23.42 20.55
C SER B 357 5.15 -24.73 20.45
N MET B 358 4.07 -24.84 21.21
CA MET B 358 3.24 -26.06 21.20
C MET B 358 2.11 -25.95 20.17
N PRO B 359 2.26 -26.64 19.02
CA PRO B 359 1.21 -26.59 18.00
C PRO B 359 -0.18 -26.90 18.57
N LYS B 360 -0.22 -27.85 19.50
CA LYS B 360 -1.49 -28.23 20.11
C LYS B 360 -1.50 -27.92 21.60
N LYS B 361 -2.70 -27.83 22.18
CA LYS B 361 -2.85 -27.50 23.58
C LYS B 361 -2.15 -28.51 24.50
N PRO B 362 -1.33 -28.00 25.44
CA PRO B 362 -0.57 -28.81 26.42
C PRO B 362 -1.40 -29.73 27.32
N GLU B 363 -1.37 -31.03 27.04
CA GLU B 363 -2.10 -32.02 27.82
C GLU B 363 -1.47 -32.09 29.22
N ARG B 364 -0.72 -33.17 29.50
CA ARG B 364 -0.07 -33.30 30.80
C ARG B 364 1.45 -33.31 30.60
N LEU B 365 2.20 -32.98 31.65
CA LEU B 365 3.66 -32.97 31.57
C LEU B 365 4.19 -34.38 31.35
N VAL B 366 5.12 -34.54 30.40
CA VAL B 366 5.67 -35.85 30.10
C VAL B 366 7.03 -36.08 30.76
N ALA B 367 7.23 -37.31 31.25
CA ALA B 367 8.46 -37.74 31.90
C ALA B 367 9.69 -37.08 31.30
N GLN B 368 10.58 -36.59 32.15
CA GLN B 368 11.79 -35.95 31.68
C GLN B 368 13.08 -36.64 32.12
N ALA B 369 13.75 -37.31 31.20
CA ALA B 369 15.02 -37.95 31.54
C ALA B 369 16.12 -36.92 31.29
N PRO B 370 16.67 -36.33 32.36
CA PRO B 370 17.74 -35.33 32.21
C PRO B 370 18.85 -35.79 31.27
N PHE B 371 18.96 -35.09 30.14
CA PHE B 371 19.93 -35.41 29.09
C PHE B 371 21.38 -35.65 29.53
N ARG B 372 21.94 -34.76 30.33
CA ARG B 372 23.31 -34.93 30.78
C ARG B 372 23.48 -36.25 31.52
N PHE B 373 22.40 -36.76 32.07
CA PHE B 373 22.46 -38.02 32.79
C PHE B 373 22.32 -39.21 31.85
N LEU B 374 21.58 -39.05 30.76
CA LEU B 374 21.45 -40.13 29.79
C LEU B 374 22.77 -40.20 29.03
N ALA B 375 23.44 -39.05 28.93
CA ALA B 375 24.72 -38.99 28.27
C ALA B 375 25.65 -39.97 28.99
N VAL B 376 25.58 -40.00 30.32
CA VAL B 376 26.39 -40.92 31.11
C VAL B 376 25.89 -42.36 31.06
N LEU B 377 24.59 -42.56 31.27
CA LEU B 377 24.04 -43.93 31.25
C LEU B 377 24.29 -44.63 29.92
N VAL B 378 24.21 -43.87 28.84
CA VAL B 378 24.39 -44.39 27.50
C VAL B 378 25.79 -44.96 27.16
N GLN B 379 26.78 -44.61 27.97
CA GLN B 379 28.13 -45.09 27.73
C GLN B 379 28.50 -46.23 28.68
N LEU B 380 27.54 -46.72 29.45
CA LEU B 380 27.80 -47.83 30.38
C LEU B 380 27.60 -49.14 29.64
N PRO B 381 28.42 -50.16 29.95
CA PRO B 381 28.37 -51.49 29.33
C PRO B 381 26.99 -52.16 29.28
N HIS B 382 26.62 -52.76 30.40
CA HIS B 382 25.35 -53.45 30.54
C HIS B 382 24.11 -52.73 29.96
N LEU B 383 23.53 -51.84 30.77
CA LEU B 383 22.33 -51.06 30.46
C LEU B 383 21.64 -51.11 29.11
N THR B 384 20.49 -51.78 29.09
CA THR B 384 19.67 -51.89 27.89
C THR B 384 18.72 -50.72 28.04
N GLU B 385 17.90 -50.45 27.03
CA GLU B 385 16.96 -49.34 27.11
C GLU B 385 16.09 -49.57 28.34
N GLU B 386 15.71 -50.83 28.50
CA GLU B 386 14.90 -51.32 29.61
C GLU B 386 15.53 -50.99 30.96
N ASP B 387 16.84 -51.22 31.08
CA ASP B 387 17.57 -50.97 32.32
C ASP B 387 17.75 -49.48 32.59
N ILE B 388 17.95 -48.69 31.54
CA ILE B 388 18.13 -47.27 31.73
C ILE B 388 16.89 -46.69 32.35
N ILE B 389 15.74 -47.10 31.86
CA ILE B 389 14.47 -46.61 32.40
C ILE B 389 14.37 -46.97 33.88
N ASN B 390 14.73 -48.20 34.24
CA ASN B 390 14.69 -48.62 35.63
C ASN B 390 15.51 -47.68 36.51
N VAL B 391 16.76 -47.48 36.12
CA VAL B 391 17.68 -46.60 36.84
C VAL B 391 17.14 -45.19 37.05
N LEU B 392 16.55 -44.60 36.00
CA LEU B 392 16.01 -43.25 36.12
C LEU B 392 14.89 -43.22 37.15
N ILE B 393 14.19 -44.34 37.26
CA ILE B 393 13.11 -44.45 38.24
C ILE B 393 13.74 -44.53 39.64
N LYS B 394 14.66 -45.47 39.84
CA LYS B 394 15.30 -45.66 41.14
C LYS B 394 16.01 -44.46 41.72
N GLN B 395 16.40 -43.53 40.87
CA GLN B 395 17.07 -42.32 41.33
C GLN B 395 16.09 -41.16 41.22
N GLY B 396 14.84 -41.50 40.96
CA GLY B 396 13.77 -40.53 40.90
C GLY B 396 13.81 -39.39 39.91
N HIS B 397 14.02 -39.70 38.63
CA HIS B 397 14.07 -38.68 37.59
C HIS B 397 12.76 -38.70 36.83
N ILE B 398 12.17 -39.89 36.74
CA ILE B 398 10.90 -40.06 36.06
C ILE B 398 10.01 -40.88 36.99
N PRO B 399 8.71 -40.61 36.97
CA PRO B 399 7.78 -41.34 37.84
C PRO B 399 7.79 -42.85 37.62
N ARG B 400 7.42 -43.60 38.65
CA ARG B 400 7.41 -45.05 38.57
C ARG B 400 6.38 -45.58 37.56
N ASP B 401 5.14 -45.09 37.62
CA ASP B 401 4.13 -45.54 36.65
C ASP B 401 4.08 -44.54 35.49
N LEU B 402 4.77 -44.92 34.42
CA LEU B 402 4.89 -44.10 33.23
C LEU B 402 3.85 -44.42 32.18
N SER B 403 3.21 -43.37 31.68
CA SER B 403 2.18 -43.52 30.65
C SER B 403 2.85 -44.08 29.41
N LYS B 404 2.13 -44.11 28.29
CA LYS B 404 2.69 -44.64 27.05
C LYS B 404 3.56 -43.57 26.38
N GLU B 405 3.19 -42.30 26.58
CA GLU B 405 3.92 -41.19 25.99
C GLU B 405 5.23 -41.03 26.73
N ASP B 406 5.17 -41.24 28.03
CA ASP B 406 6.33 -41.12 28.90
C ASP B 406 7.45 -42.07 28.49
N VAL B 407 7.12 -43.34 28.29
CA VAL B 407 8.15 -44.29 27.92
C VAL B 407 8.57 -44.05 26.48
N GLU B 408 7.71 -43.37 25.73
CA GLU B 408 8.01 -43.07 24.34
C GLU B 408 9.02 -41.91 24.32
N ARG B 409 8.80 -40.93 25.18
CA ARG B 409 9.70 -39.78 25.25
C ARG B 409 11.08 -40.16 25.82
N VAL B 410 11.11 -41.00 26.83
CA VAL B 410 12.37 -41.42 27.43
C VAL B 410 13.17 -42.28 26.45
N LYS B 411 12.52 -43.26 25.83
CA LYS B 411 13.18 -44.14 24.87
C LYS B 411 13.76 -43.36 23.70
N LEU B 412 13.02 -42.33 23.27
CA LEU B 412 13.46 -41.49 22.18
C LEU B 412 14.65 -40.66 22.62
N ARG B 413 14.56 -40.09 23.81
CA ARG B 413 15.62 -39.25 24.33
C ARG B 413 16.90 -40.05 24.59
N ILE B 414 16.75 -41.34 24.89
CA ILE B 414 17.90 -42.21 25.11
C ILE B 414 18.72 -42.32 23.81
N ASN B 415 18.02 -42.50 22.69
CA ASN B 415 18.69 -42.61 21.41
C ASN B 415 19.30 -41.31 20.93
N LEU B 416 18.72 -40.19 21.35
CA LEU B 416 19.22 -38.87 21.01
C LEU B 416 20.53 -38.67 21.76
N ALA B 417 20.59 -39.19 22.98
CA ALA B 417 21.79 -39.07 23.80
C ALA B 417 22.91 -39.96 23.25
N ARG B 418 22.55 -41.12 22.72
CA ARG B 418 23.55 -42.01 22.11
C ARG B 418 24.15 -41.28 20.93
N ASN B 419 23.28 -40.70 20.09
CA ASN B 419 23.71 -39.95 18.89
C ASN B 419 24.59 -38.78 19.27
N TRP B 420 24.19 -38.03 20.29
CA TRP B 420 24.98 -36.90 20.72
C TRP B 420 26.36 -37.35 21.18
N VAL B 421 26.39 -38.33 22.07
CA VAL B 421 27.64 -38.82 22.62
C VAL B 421 28.60 -39.32 21.55
N LYS B 422 28.03 -40.01 20.57
CA LYS B 422 28.82 -40.60 19.49
C LYS B 422 29.32 -39.57 18.47
N LYS B 423 28.52 -38.57 18.17
CA LYS B 423 28.87 -37.60 17.15
C LYS B 423 29.25 -36.16 17.51
N TYR B 424 28.55 -35.56 18.48
CA TYR B 424 28.83 -34.17 18.85
C TYR B 424 29.50 -33.92 20.18
N ALA B 425 29.37 -34.86 21.11
CA ALA B 425 29.95 -34.66 22.42
C ALA B 425 31.46 -34.52 22.41
N PRO B 426 32.01 -33.59 23.23
CA PRO B 426 33.46 -33.36 23.32
C PRO B 426 34.13 -34.55 24.02
N GLU B 427 35.43 -34.43 24.29
CA GLU B 427 36.16 -35.52 24.92
C GLU B 427 36.14 -35.57 26.44
N ASP B 428 35.96 -34.43 27.09
CA ASP B 428 35.92 -34.38 28.55
C ASP B 428 34.73 -35.12 29.13
N VAL B 429 33.75 -35.43 28.29
CA VAL B 429 32.57 -36.12 28.77
C VAL B 429 32.52 -37.58 28.34
N LYS B 430 33.45 -37.99 27.48
CA LYS B 430 33.46 -39.38 27.02
C LYS B 430 34.33 -40.27 27.91
N PHE B 431 33.85 -41.48 28.18
CA PHE B 431 34.57 -42.39 29.05
C PHE B 431 33.98 -43.78 28.87
N SER B 432 34.66 -44.77 29.46
CA SER B 432 34.18 -46.14 29.42
C SER B 432 34.73 -46.85 30.64
N ILE B 433 33.89 -47.62 31.30
CA ILE B 433 34.30 -48.34 32.50
C ILE B 433 35.46 -49.30 32.26
N LEU B 434 36.48 -49.24 33.12
CA LEU B 434 37.61 -50.15 33.02
C LEU B 434 37.11 -51.50 33.56
N GLU B 435 36.96 -52.48 32.70
CA GLU B 435 36.49 -53.78 33.13
C GLU B 435 37.49 -54.43 34.09
N LYS B 436 38.72 -53.92 34.12
CA LYS B 436 39.77 -54.44 35.01
C LYS B 436 40.52 -53.30 35.71
N PRO B 437 41.02 -53.52 36.94
CA PRO B 437 41.73 -52.47 37.64
C PRO B 437 43.11 -52.07 37.12
N PRO B 438 43.37 -50.75 37.04
CA PRO B 438 44.65 -50.21 36.57
C PRO B 438 45.60 -50.19 37.76
N GLU B 439 46.91 -50.21 37.52
CA GLU B 439 47.86 -50.17 38.62
C GLU B 439 47.96 -48.73 39.11
N VAL B 440 47.39 -48.47 40.28
CA VAL B 440 47.38 -47.13 40.81
C VAL B 440 47.85 -47.15 42.25
N GLU B 441 48.56 -46.10 42.64
CA GLU B 441 49.07 -46.00 44.00
C GLU B 441 48.01 -45.41 44.91
N VAL B 442 47.48 -46.23 45.80
CA VAL B 442 46.45 -45.75 46.71
C VAL B 442 47.03 -45.63 48.11
N SER B 443 46.89 -44.46 48.72
CA SER B 443 47.39 -44.24 50.07
C SER B 443 46.78 -45.23 51.06
N GLU B 444 47.21 -45.15 52.31
CA GLU B 444 46.72 -46.03 53.37
C GLU B 444 45.28 -45.61 53.72
N ASP B 445 45.08 -44.30 53.90
CA ASP B 445 43.78 -43.74 54.23
C ASP B 445 42.73 -44.00 53.16
N VAL B 446 43.12 -43.83 51.90
CA VAL B 446 42.18 -44.04 50.82
C VAL B 446 41.79 -45.51 50.68
N ARG B 447 42.68 -46.43 51.03
CA ARG B 447 42.34 -47.83 50.93
C ARG B 447 41.21 -48.16 51.90
N GLU B 448 41.31 -47.69 53.14
CA GLU B 448 40.27 -47.99 54.11
C GLU B 448 38.99 -47.17 53.91
N ALA B 449 39.13 -45.97 53.37
CA ALA B 449 37.97 -45.11 53.12
C ALA B 449 37.11 -45.73 52.03
N MET B 450 37.75 -46.40 51.08
CA MET B 450 37.02 -47.05 50.01
C MET B 450 36.42 -48.32 50.61
N ASN B 451 37.14 -48.91 51.54
CA ASN B 451 36.68 -50.11 52.21
C ASN B 451 35.42 -49.83 53.00
N GLU B 452 35.39 -48.66 53.64
CA GLU B 452 34.24 -48.28 54.42
C GLU B 452 33.03 -48.07 53.52
N VAL B 453 33.25 -47.43 52.37
CA VAL B 453 32.18 -47.18 51.42
C VAL B 453 31.67 -48.50 50.86
N ALA B 454 32.60 -49.39 50.55
CA ALA B 454 32.28 -50.69 50.02
C ALA B 454 31.50 -51.49 51.05
N GLU B 455 31.75 -51.21 52.33
CA GLU B 455 31.05 -51.91 53.39
C GLU B 455 29.60 -51.44 53.39
N TRP B 456 29.44 -50.13 53.28
CA TRP B 456 28.11 -49.55 53.24
C TRP B 456 27.33 -50.07 52.02
N LEU B 457 27.98 -50.18 50.86
CA LEU B 457 27.27 -50.64 49.66
C LEU B 457 26.85 -52.09 49.77
N GLU B 458 27.60 -52.87 50.54
CA GLU B 458 27.30 -54.29 50.71
C GLU B 458 26.15 -54.48 51.70
N ASN B 459 26.00 -53.59 52.68
CA ASN B 459 24.93 -53.72 53.64
C ASN B 459 23.65 -53.05 53.18
N HIS B 460 23.69 -52.41 52.01
CA HIS B 460 22.52 -51.71 51.50
C HIS B 460 22.14 -52.00 50.07
N GLU B 461 21.17 -52.88 49.86
CA GLU B 461 20.69 -53.20 48.52
C GLU B 461 19.93 -51.99 47.97
N GLU B 462 19.36 -51.17 48.85
CA GLU B 462 18.60 -49.99 48.44
C GLU B 462 19.08 -48.74 49.16
N PHE B 463 19.00 -47.60 48.49
CA PHE B 463 19.41 -46.35 49.08
C PHE B 463 19.18 -45.18 48.14
N SER B 464 19.21 -43.97 48.67
CA SER B 464 19.03 -42.82 47.81
C SER B 464 20.42 -42.39 47.36
N VAL B 465 20.49 -41.79 46.17
CA VAL B 465 21.77 -41.35 45.66
C VAL B 465 22.32 -40.24 46.52
N GLU B 466 21.44 -39.44 47.08
CA GLU B 466 21.87 -38.32 47.91
C GLU B 466 22.57 -38.73 49.20
N GLU B 467 22.06 -39.78 49.86
CA GLU B 467 22.69 -40.22 51.09
C GLU B 467 24.02 -40.85 50.73
N PHE B 468 24.03 -41.59 49.62
CA PHE B 468 25.23 -42.24 49.13
C PHE B 468 26.24 -41.16 48.79
N ASN B 469 25.73 -40.02 48.32
CA ASN B 469 26.59 -38.92 47.98
C ASN B 469 27.10 -38.25 49.25
N ASN B 470 26.27 -38.18 50.28
CA ASN B 470 26.72 -37.59 51.53
C ASN B 470 27.81 -38.46 52.11
N ILE B 471 27.58 -39.76 52.12
CA ILE B 471 28.58 -40.70 52.63
C ILE B 471 29.89 -40.56 51.87
N LEU B 472 29.81 -40.44 50.54
CA LEU B 472 31.02 -40.28 49.73
C LEU B 472 31.89 -39.11 50.16
N PHE B 473 31.29 -37.95 50.41
CA PHE B 473 32.04 -36.77 50.83
C PHE B 473 32.47 -36.86 52.31
N GLU B 474 31.65 -37.49 53.14
CA GLU B 474 31.93 -37.58 54.57
C GLU B 474 33.13 -38.47 54.88
N VAL B 475 33.06 -39.73 54.47
CA VAL B 475 34.15 -40.68 54.70
C VAL B 475 35.53 -40.09 54.40
N ALA B 476 35.55 -39.13 53.48
CA ALA B 476 36.78 -38.48 53.07
C ALA B 476 37.11 -37.30 53.94
N LYS B 477 36.11 -36.48 54.24
CA LYS B 477 36.28 -35.29 55.08
C LYS B 477 36.66 -35.71 56.49
N ARG B 478 36.39 -36.96 56.83
CA ARG B 478 36.65 -37.49 58.16
C ARG B 478 38.05 -38.07 58.35
N ARG B 479 38.68 -38.49 57.27
CA ARG B 479 40.02 -39.06 57.35
C ARG B 479 41.06 -38.10 56.80
N GLY B 480 40.80 -36.81 56.91
CA GLY B 480 41.74 -35.82 56.42
C GLY B 480 42.04 -35.95 54.94
N ILE B 481 41.36 -36.88 54.27
CA ILE B 481 41.57 -37.10 52.85
C ILE B 481 41.00 -35.94 52.06
N SER B 482 41.86 -35.22 51.36
CA SER B 482 41.45 -34.07 50.56
C SER B 482 40.50 -34.48 49.46
N SER B 483 39.78 -33.50 48.93
CA SER B 483 38.83 -33.77 47.86
C SER B 483 39.55 -34.13 46.57
N ARG B 484 40.65 -33.44 46.29
CA ARG B 484 41.44 -33.70 45.10
C ARG B 484 41.77 -35.19 45.02
N GLU B 485 42.50 -35.67 46.02
CA GLU B 485 42.91 -37.07 46.05
C GLU B 485 41.78 -38.08 46.06
N TRP B 486 40.73 -37.79 46.81
CA TRP B 486 39.56 -38.66 46.93
C TRP B 486 38.84 -38.99 45.62
N PHE B 487 38.35 -37.96 44.91
CA PHE B 487 37.65 -38.20 43.66
C PHE B 487 38.63 -38.49 42.54
N SER B 488 39.89 -38.18 42.77
CA SER B 488 40.91 -38.43 41.77
C SER B 488 41.14 -39.93 41.71
N THR B 489 41.44 -40.53 42.85
CA THR B 489 41.67 -41.96 42.91
C THR B 489 40.45 -42.77 42.46
N LEU B 490 39.28 -42.40 42.95
CA LEU B 490 38.06 -43.10 42.57
C LEU B 490 37.87 -43.12 41.05
N TYR B 491 38.04 -41.96 40.42
CA TYR B 491 37.88 -41.88 38.97
C TYR B 491 38.95 -42.66 38.18
N ARG B 492 40.20 -42.61 38.64
CA ARG B 492 41.24 -43.33 37.94
C ARG B 492 40.99 -44.84 38.04
N LEU B 493 40.52 -45.29 39.21
CA LEU B 493 40.25 -46.70 39.43
C LEU B 493 39.05 -47.24 38.65
N PHE B 494 38.01 -46.42 38.48
CA PHE B 494 36.82 -46.87 37.76
C PHE B 494 36.82 -46.60 36.26
N ILE B 495 37.30 -45.43 35.84
CA ILE B 495 37.29 -45.13 34.42
C ILE B 495 38.62 -44.77 33.80
N GLY B 496 39.69 -44.77 34.59
CA GLY B 496 40.98 -44.46 34.02
C GLY B 496 41.33 -42.99 33.83
N LYS B 497 40.36 -42.09 34.03
CA LYS B 497 40.59 -40.65 33.89
C LYS B 497 40.67 -40.04 35.28
N GLU B 498 41.12 -38.81 35.37
CA GLU B 498 41.22 -38.14 36.66
C GLU B 498 39.90 -37.43 36.99
N ARG B 499 39.02 -37.34 36.00
CA ARG B 499 37.73 -36.70 36.17
C ARG B 499 36.68 -37.43 35.36
N GLY B 500 35.44 -37.45 35.87
CA GLY B 500 34.36 -38.13 35.17
C GLY B 500 32.98 -37.67 35.58
N PRO B 501 31.95 -38.47 35.28
CA PRO B 501 30.55 -38.17 35.62
C PRO B 501 30.30 -38.03 37.12
N ARG B 502 29.21 -37.35 37.49
CA ARG B 502 28.82 -37.17 38.90
C ARG B 502 29.01 -38.52 39.58
N LEU B 503 29.89 -38.53 40.57
CA LEU B 503 30.23 -39.74 41.30
C LEU B 503 29.12 -40.60 41.88
N ALA B 504 28.35 -40.05 42.80
CA ALA B 504 27.29 -40.83 43.45
C ALA B 504 26.32 -41.49 42.48
N SER B 505 25.76 -40.72 41.55
CA SER B 505 24.80 -41.28 40.62
C SER B 505 25.42 -42.21 39.61
N PHE B 506 26.69 -41.98 39.30
CA PHE B 506 27.41 -42.83 38.36
C PHE B 506 27.64 -44.23 38.94
N LEU B 507 28.25 -44.27 40.11
CA LEU B 507 28.52 -45.53 40.78
C LEU B 507 27.27 -46.34 41.12
N ALA B 508 26.17 -45.67 41.46
CA ALA B 508 24.96 -46.38 41.82
C ALA B 508 24.27 -46.97 40.60
N SER B 509 24.81 -46.68 39.43
CA SER B 509 24.27 -47.18 38.16
C SER B 509 25.02 -48.42 37.64
N LEU B 510 26.14 -48.74 38.28
CA LEU B 510 26.91 -49.91 37.88
C LEU B 510 26.39 -51.09 38.72
N ASP B 511 26.93 -52.28 38.49
CA ASP B 511 26.52 -53.46 39.24
C ASP B 511 27.11 -53.25 40.62
N ARG B 512 26.26 -53.30 41.65
CA ARG B 512 26.73 -53.07 43.02
C ARG B 512 27.91 -53.95 43.40
N SER B 513 27.92 -55.19 42.89
CA SER B 513 29.01 -56.13 43.17
C SER B 513 30.35 -55.67 42.58
N PHE B 514 30.29 -55.10 41.38
CA PHE B 514 31.47 -54.59 40.69
C PHE B 514 32.05 -53.40 41.46
N VAL B 515 31.18 -52.54 41.93
CA VAL B 515 31.62 -51.35 42.64
C VAL B 515 32.30 -51.76 43.92
N ILE B 516 31.71 -52.71 44.63
CA ILE B 516 32.30 -53.17 45.87
C ILE B 516 33.65 -53.83 45.58
N LYS B 517 33.72 -54.72 44.60
CA LYS B 517 34.99 -55.37 44.27
C LYS B 517 36.07 -54.35 43.88
N ARG B 518 35.71 -53.28 43.20
CA ARG B 518 36.72 -52.33 42.80
C ARG B 518 37.14 -51.45 43.97
N LEU B 519 36.20 -51.09 44.82
CA LEU B 519 36.49 -50.26 45.99
C LEU B 519 37.43 -51.01 46.92
N ARG B 520 37.25 -52.33 46.97
CA ARG B 520 38.10 -53.17 47.82
C ARG B 520 39.38 -53.57 47.10
N LEU B 521 39.59 -52.98 45.93
CA LEU B 521 40.77 -53.25 45.12
C LEU B 521 41.02 -54.74 45.00
N GLU B 522 39.97 -55.47 44.67
CA GLU B 522 40.09 -56.91 44.50
C GLU B 522 39.49 -57.32 43.16
N GLY B 523 39.29 -56.33 42.29
CA GLY B 523 38.73 -56.60 40.98
C GLY B 523 38.42 -55.34 40.20
ZN ZN C . -23.30 43.51 -2.67
ZN ZN D . -49.73 47.54 -9.39
ZN ZN E . 12.20 -39.05 -4.31
ZN ZN F . 10.03 -22.33 -28.28
#